data_7R7E
#
_entry.id   7R7E
#
_cell.length_a   201.288
_cell.length_b   60.920
_cell.length_c   95.929
_cell.angle_alpha   90.000
_cell.angle_beta   101.175
_cell.angle_gamma   90.000
#
_symmetry.space_group_name_H-M   'C 1 2 1'
#
loop_
_entity.id
_entity.type
_entity.pdbx_description
1 polymer 'Polyketide synthase'
2 non-polymer 'ADENOSINE MONOPHOSPHATE'
3 non-polymer 'PYROPHOSPHATE 2-'
4 non-polymer 'ACETATE ION'
5 non-polymer 'MAGNESIUM ION'
6 water water
#
_entity_poly.entity_id   1
_entity_poly.type   'polypeptide(L)'
_entity_poly.pdbx_seq_one_letter_code
;SNAVGQFANFVDLLQYRAKLQARKTVFSFLADGEAESAALTYGELDQKAQAIAAFLQANQAQGQRALLLYPPGLEFIGAF
LGCLYAGVVAVPAYPPRPNKSFDRLHSIIQDAQAKFALTTTELKDKIADRLEALEGTDFHCLATDQVELISGKNWQKPNI
SGTDLAFLQYTSGSTGDPKGVMVSHHNLIHNSGLINQGFQDTEASMGVSWLPPYHDMGLIGGILQPIYVGATQILMPPVA
FLQRPFRWLKAINDYRVSTSGAPNFAYDLCASQITPEQIRELDLSCWRLAFSGAEPIRAVTLENFAKTFATAGFQKSAFY
PCYGMAETTLIVSGGNGRAQLPQEIIVSKQGIEANQVRPAQGTETTVTLVGSGEVIGDQIVKIVDPQALTECTVGEIGEV
WVKGESVAQGYWQKPDLTQQQFQGNVGAETGFLRTGDLGFLQGGELYITGRLKDLLIIRGRNHYPQDIELTVEVAHPALR
QGAGAAVSVDVNGEEQLVIVQEVERKYARKLNVAAVAQAIRGAIAAEHQLQPQAICFIKPGSIPKTSSGKIRRHACKAGF
LDGSLAVVGEWQ
;
_entity_poly.pdbx_strand_id   A,B
#
loop_
_chem_comp.id
_chem_comp.type
_chem_comp.name
_chem_comp.formula
ACT non-polymer 'ACETATE ION' 'C2 H3 O2 -1'
AMP non-polymer 'ADENOSINE MONOPHOSPHATE' 'C10 H14 N5 O7 P'
MG non-polymer 'MAGNESIUM ION' 'Mg 2'
POP non-polymer 'PYROPHOSPHATE 2-' 'H2 O7 P2 -2'
#
# COMPACT_ATOMS: atom_id res chain seq x y z
N VAL A 4 -20.48 -9.71 5.80
CA VAL A 4 -19.75 -10.40 4.73
C VAL A 4 -18.54 -9.55 4.30
N GLY A 5 -18.66 -8.23 4.40
CA GLY A 5 -17.43 -7.52 4.11
C GLY A 5 -16.42 -7.56 5.22
N GLN A 6 -16.57 -8.44 6.21
CA GLN A 6 -15.57 -8.64 7.25
C GLN A 6 -14.80 -9.93 7.10
N PHE A 7 -15.03 -10.68 6.02
CA PHE A 7 -14.29 -11.90 5.79
C PHE A 7 -12.92 -11.61 5.17
N ALA A 8 -11.90 -12.29 5.67
CA ALA A 8 -10.53 -12.09 5.21
C ALA A 8 -10.16 -12.98 4.04
N ASN A 9 -10.95 -14.02 3.74
CA ASN A 9 -10.58 -14.97 2.70
C ASN A 9 -11.82 -15.72 2.24
N PHE A 10 -11.72 -16.41 1.09
CA PHE A 10 -12.90 -17.05 0.54
C PHE A 10 -13.31 -18.32 1.32
N VAL A 11 -12.38 -18.96 2.04
CA VAL A 11 -12.76 -20.13 2.85
C VAL A 11 -13.75 -19.73 3.94
N ASP A 12 -13.42 -18.71 4.73
CA ASP A 12 -14.35 -18.25 5.76
C ASP A 12 -15.68 -17.82 5.13
N LEU A 13 -15.62 -17.16 3.98
CA LEU A 13 -16.83 -16.65 3.35
C LEU A 13 -17.73 -17.79 2.84
N LEU A 14 -17.17 -18.83 2.22
CA LEU A 14 -18.02 -19.94 1.69
C LEU A 14 -18.62 -20.72 2.86
N GLN A 15 -17.86 -20.88 3.92
CA GLN A 15 -18.35 -21.58 5.12
C GLN A 15 -19.54 -20.81 5.69
N TYR A 16 -19.45 -19.47 5.71
CA TYR A 16 -20.59 -18.64 6.18
C TYR A 16 -21.80 -18.81 5.25
N ARG A 17 -21.60 -18.74 3.93
CA ARG A 17 -22.76 -18.92 3.08
C ARG A 17 -23.35 -20.33 3.20
N ALA A 18 -22.49 -21.34 3.40
CA ALA A 18 -22.96 -22.70 3.52
C ALA A 18 -23.92 -22.86 4.70
N LYS A 19 -23.75 -22.03 5.73
CA LYS A 19 -24.67 -22.00 6.86
C LYS A 19 -25.89 -21.13 6.63
N LEU A 20 -25.72 -19.96 6.02
CA LEU A 20 -26.79 -18.98 5.89
C LEU A 20 -27.71 -19.31 4.72
N GLN A 21 -27.20 -19.89 3.62
CA GLN A 21 -27.96 -20.18 2.39
C GLN A 21 -27.71 -21.62 1.96
N ALA A 22 -27.64 -22.56 2.92
CA ALA A 22 -27.22 -23.93 2.64
C ALA A 22 -27.95 -24.56 1.46
N ARG A 23 -29.26 -24.35 1.35
CA ARG A 23 -30.04 -25.00 0.28
C ARG A 23 -30.21 -24.15 -0.97
N LYS A 24 -29.66 -22.94 -1.03
CA LYS A 24 -29.74 -22.16 -2.25
C LYS A 24 -28.75 -22.73 -3.24
N THR A 25 -29.20 -22.92 -4.48
CA THR A 25 -28.32 -23.32 -5.57
C THR A 25 -27.25 -22.25 -5.79
N VAL A 26 -25.97 -22.62 -5.86
CA VAL A 26 -24.93 -21.66 -6.22
C VAL A 26 -24.57 -21.76 -7.70
N PHE A 27 -24.43 -22.99 -8.24
CA PHE A 27 -24.11 -23.19 -9.66
C PHE A 27 -25.02 -24.22 -10.31
N SER A 28 -25.50 -23.91 -11.51
CA SER A 28 -26.15 -24.90 -12.37
C SER A 28 -25.34 -25.00 -13.63
N PHE A 29 -25.04 -26.21 -14.05
CA PHE A 29 -24.22 -26.41 -15.24
C PHE A 29 -25.09 -26.96 -16.37
N LEU A 30 -25.01 -26.34 -17.54
CA LEU A 30 -25.69 -26.76 -18.76
C LEU A 30 -24.63 -27.33 -19.70
N ALA A 31 -24.51 -28.65 -19.72
CA ALA A 31 -23.38 -29.27 -20.42
C ALA A 31 -23.39 -28.91 -21.90
N ASP A 32 -24.57 -28.79 -22.51
CA ASP A 32 -24.68 -28.37 -23.90
C ASP A 32 -25.12 -26.90 -24.05
N GLY A 33 -25.06 -26.10 -22.99
CA GLY A 33 -25.62 -24.76 -23.06
C GLY A 33 -27.12 -24.67 -23.16
N GLU A 34 -27.84 -25.77 -22.99
CA GLU A 34 -29.29 -25.76 -23.13
C GLU A 34 -29.97 -26.47 -21.97
N ALA A 35 -29.74 -27.78 -21.87
CA ALA A 35 -30.34 -28.56 -20.81
C ALA A 35 -29.42 -28.58 -19.59
N GLU A 36 -30.02 -28.37 -18.42
CA GLU A 36 -29.27 -28.45 -17.19
C GLU A 36 -28.76 -29.87 -16.97
N SER A 37 -27.51 -29.99 -16.57
CA SER A 37 -26.96 -31.32 -16.40
C SER A 37 -26.39 -31.59 -15.02
N ALA A 38 -26.15 -30.56 -14.21
CA ALA A 38 -25.70 -30.75 -12.83
C ALA A 38 -25.91 -29.45 -12.06
N ALA A 39 -25.88 -29.54 -10.74
CA ALA A 39 -26.05 -28.34 -9.92
C ALA A 39 -25.46 -28.61 -8.55
N LEU A 40 -25.13 -27.53 -7.84
CA LEU A 40 -24.63 -27.59 -6.46
C LEU A 40 -25.29 -26.50 -5.61
N THR A 41 -25.73 -26.84 -4.42
CA THR A 41 -26.10 -25.77 -3.48
C THR A 41 -24.84 -25.23 -2.76
N TYR A 42 -25.01 -24.09 -2.06
CA TYR A 42 -23.94 -23.60 -1.20
C TYR A 42 -23.56 -24.65 -0.16
N GLY A 43 -24.53 -25.41 0.33
CA GLY A 43 -24.20 -26.44 1.30
C GLY A 43 -23.36 -27.55 0.70
N GLU A 44 -23.70 -28.01 -0.50
CA GLU A 44 -22.96 -29.09 -1.15
C GLU A 44 -21.60 -28.60 -1.64
N LEU A 45 -21.51 -27.34 -2.07
CA LEU A 45 -20.22 -26.83 -2.50
C LEU A 45 -19.21 -26.85 -1.35
N ASP A 46 -19.61 -26.35 -0.20
CA ASP A 46 -18.72 -26.38 0.95
C ASP A 46 -18.37 -27.82 1.36
N GLN A 47 -19.36 -28.73 1.41
CA GLN A 47 -19.03 -30.12 1.75
C GLN A 47 -18.07 -30.73 0.75
N LYS A 48 -18.25 -30.42 -0.53
CA LYS A 48 -17.37 -30.97 -1.53
C LYS A 48 -15.96 -30.40 -1.38
N ALA A 49 -15.86 -29.12 -1.06
CA ALA A 49 -14.55 -28.50 -0.91
C ALA A 49 -13.80 -29.07 0.29
N GLN A 50 -14.54 -29.39 1.37
CA GLN A 50 -13.89 -29.95 2.56
C GLN A 50 -13.38 -31.35 2.29
N ALA A 51 -14.16 -32.16 1.56
CA ALA A 51 -13.76 -33.51 1.21
C ALA A 51 -12.52 -33.50 0.29
N ILE A 52 -12.54 -32.66 -0.77
CA ILE A 52 -11.34 -32.55 -1.61
C ILE A 52 -10.17 -31.99 -0.83
N ALA A 53 -10.41 -30.99 0.04
CA ALA A 53 -9.34 -30.48 0.89
C ALA A 53 -8.67 -31.61 1.69
N ALA A 54 -9.50 -32.43 2.35
CA ALA A 54 -8.96 -33.49 3.20
C ALA A 54 -8.20 -34.49 2.37
N PHE A 55 -8.68 -34.75 1.15
CA PHE A 55 -7.97 -35.64 0.25
C PHE A 55 -6.60 -35.05 -0.15
N LEU A 56 -6.55 -33.73 -0.43
CA LEU A 56 -5.29 -33.08 -0.80
C LEU A 56 -4.28 -33.11 0.35
N GLN A 57 -4.74 -32.84 1.58
CA GLN A 57 -3.83 -32.80 2.72
C GLN A 57 -3.22 -34.17 3.01
N ALA A 58 -4.04 -35.23 2.99
CA ALA A 58 -3.54 -36.56 3.21
C ALA A 58 -2.48 -36.94 2.16
N ASN A 59 -2.65 -36.40 0.95
CA ASN A 59 -1.71 -36.69 -0.18
C ASN A 59 -0.50 -35.75 -0.16
N GLN A 60 -0.30 -35.01 0.93
CA GLN A 60 0.90 -34.15 1.11
C GLN A 60 1.00 -33.02 0.08
N ALA A 61 -0.13 -32.46 -0.34
CA ALA A 61 -0.16 -31.34 -1.32
C ALA A 61 -0.13 -29.96 -0.64
N GLN A 62 -0.38 -29.91 0.66
CA GLN A 62 -0.43 -28.61 1.32
C GLN A 62 0.89 -27.87 1.09
N GLY A 63 0.80 -26.59 0.74
CA GLY A 63 2.01 -25.83 0.52
C GLY A 63 2.68 -26.07 -0.83
N GLN A 64 2.12 -26.96 -1.64
CA GLN A 64 2.65 -27.28 -2.95
C GLN A 64 1.78 -26.64 -4.03
N ARG A 65 2.30 -26.64 -5.25
CA ARG A 65 1.53 -26.21 -6.42
C ARG A 65 0.88 -27.41 -7.09
N ALA A 66 -0.38 -27.25 -7.52
CA ALA A 66 -1.11 -28.35 -8.14
C ALA A 66 -1.84 -27.82 -9.36
N LEU A 67 -1.55 -28.40 -10.53
CA LEU A 67 -2.28 -28.08 -11.75
C LEU A 67 -3.71 -28.58 -11.63
N LEU A 68 -4.65 -27.81 -12.18
CA LEU A 68 -6.04 -28.28 -12.27
C LEU A 68 -6.32 -28.52 -13.75
N LEU A 69 -6.67 -29.77 -14.09
CA LEU A 69 -6.90 -30.22 -15.47
C LEU A 69 -8.30 -30.83 -15.54
N TYR A 70 -9.30 -29.98 -15.79
CA TYR A 70 -10.71 -30.31 -15.79
C TYR A 70 -11.41 -29.79 -17.05
N PRO A 71 -12.47 -30.46 -17.52
CA PRO A 71 -13.38 -29.79 -18.45
C PRO A 71 -14.11 -28.71 -17.67
N PRO A 72 -14.75 -27.75 -18.35
CA PRO A 72 -15.61 -26.81 -17.63
C PRO A 72 -16.75 -27.61 -17.01
N GLY A 73 -17.10 -27.25 -15.80
CA GLY A 73 -18.12 -27.99 -15.07
C GLY A 73 -17.86 -27.82 -13.60
N LEU A 74 -18.65 -28.57 -12.80
CA LEU A 74 -18.63 -28.38 -11.36
C LEU A 74 -17.44 -29.03 -10.68
N GLU A 75 -16.83 -30.05 -11.32
CA GLU A 75 -15.64 -30.68 -10.75
C GLU A 75 -14.46 -29.73 -10.67
N PHE A 76 -14.29 -28.90 -11.70
CA PHE A 76 -13.25 -27.88 -11.64
C PHE A 76 -13.45 -26.98 -10.43
N ILE A 77 -14.69 -26.54 -10.20
CA ILE A 77 -14.98 -25.59 -9.13
C ILE A 77 -14.71 -26.21 -7.77
N GLY A 78 -15.16 -27.45 -7.57
CA GLY A 78 -14.85 -28.13 -6.33
C GLY A 78 -13.35 -28.26 -6.11
N ALA A 79 -12.60 -28.66 -7.16
CA ALA A 79 -11.15 -28.79 -6.99
C ALA A 79 -10.51 -27.45 -6.69
N PHE A 80 -10.99 -26.35 -7.31
CA PHE A 80 -10.35 -25.07 -7.05
C PHE A 80 -10.56 -24.61 -5.61
N LEU A 81 -11.81 -24.65 -5.13
CA LEU A 81 -12.08 -24.31 -3.73
C LEU A 81 -11.45 -25.32 -2.79
N GLY A 82 -11.45 -26.60 -3.16
CA GLY A 82 -10.75 -27.60 -2.36
C GLY A 82 -9.30 -27.24 -2.11
N CYS A 83 -8.63 -26.68 -3.13
CA CYS A 83 -7.26 -26.19 -2.97
C CYS A 83 -7.20 -25.02 -1.98
N LEU A 84 -8.08 -24.02 -2.14
CA LEU A 84 -8.16 -22.93 -1.17
C LEU A 84 -8.37 -23.46 0.26
N TYR A 85 -9.35 -24.38 0.45
CA TYR A 85 -9.59 -24.96 1.77
C TYR A 85 -8.35 -25.69 2.31
N ALA A 86 -7.63 -26.41 1.45
CA ALA A 86 -6.52 -27.22 1.95
C ALA A 86 -5.20 -26.46 2.12
N GLY A 87 -5.08 -25.25 1.56
CA GLY A 87 -3.79 -24.57 1.49
C GLY A 87 -2.87 -25.07 0.40
N VAL A 88 -3.42 -25.53 -0.71
CA VAL A 88 -2.68 -25.98 -1.88
C VAL A 88 -2.72 -24.84 -2.90
N VAL A 89 -1.56 -24.46 -3.44
CA VAL A 89 -1.47 -23.37 -4.41
C VAL A 89 -2.00 -23.91 -5.75
N ALA A 90 -3.24 -23.58 -6.08
CA ALA A 90 -3.86 -24.11 -7.30
C ALA A 90 -3.24 -23.45 -8.51
N VAL A 91 -3.13 -24.22 -9.59
CA VAL A 91 -2.66 -23.66 -10.83
C VAL A 91 -3.67 -24.10 -11.89
N PRO A 92 -4.72 -23.32 -12.13
CA PRO A 92 -5.68 -23.66 -13.20
C PRO A 92 -5.02 -23.61 -14.56
N ALA A 93 -5.36 -24.57 -15.40
CA ALA A 93 -4.86 -24.53 -16.77
C ALA A 93 -5.85 -25.24 -17.68
N TYR A 94 -5.78 -24.92 -18.97
CA TYR A 94 -6.58 -25.63 -19.95
C TYR A 94 -6.18 -27.11 -19.95
N PRO A 95 -7.15 -28.02 -19.90
CA PRO A 95 -6.83 -29.44 -19.93
C PRO A 95 -6.19 -29.85 -21.24
N PRO A 96 -5.44 -30.94 -21.26
CA PRO A 96 -4.92 -31.46 -22.53
C PRO A 96 -6.07 -31.98 -23.41
N ARG A 97 -5.85 -31.92 -24.71
CA ARG A 97 -6.83 -32.40 -25.69
C ARG A 97 -6.24 -33.50 -26.57
N PRO A 98 -7.06 -34.44 -27.05
CA PRO A 98 -6.53 -35.55 -27.85
C PRO A 98 -5.72 -35.07 -29.03
N ASN A 99 -4.70 -35.86 -29.38
CA ASN A 99 -3.82 -35.63 -30.55
C ASN A 99 -3.06 -34.31 -30.47
N LYS A 100 -2.88 -33.77 -29.26
CA LYS A 100 -2.14 -32.53 -29.07
C LYS A 100 -0.98 -32.77 -28.13
N SER A 101 0.09 -32.01 -28.36
CA SER A 101 1.28 -32.05 -27.53
C SER A 101 1.02 -31.47 -26.14
N PHE A 102 1.79 -31.95 -25.17
CA PHE A 102 1.74 -31.44 -23.81
C PHE A 102 2.74 -30.32 -23.56
N ASP A 103 3.27 -29.70 -24.61
CA ASP A 103 4.33 -28.67 -24.43
C ASP A 103 3.87 -27.59 -23.45
N ARG A 104 2.70 -27.02 -23.68
CA ARG A 104 2.20 -25.89 -22.84
C ARG A 104 2.03 -26.34 -21.39
N LEU A 105 1.52 -27.56 -21.19
CA LEU A 105 1.31 -28.07 -19.81
C LEU A 105 2.65 -28.37 -19.12
N HIS A 106 3.54 -29.12 -19.77
CA HIS A 106 4.86 -29.32 -19.17
C HIS A 106 5.53 -28.00 -18.78
N SER A 107 5.40 -26.97 -19.61
CA SER A 107 6.07 -25.70 -19.35
C SER A 107 5.49 -24.97 -18.12
N ILE A 108 4.17 -25.00 -17.99
CA ILE A 108 3.54 -24.51 -16.76
C ILE A 108 4.00 -25.34 -15.56
N ILE A 109 3.98 -26.68 -15.70
CA ILE A 109 4.47 -27.55 -14.63
C ILE A 109 5.92 -27.22 -14.29
N GLN A 110 6.76 -27.15 -15.31
CA GLN A 110 8.14 -26.75 -15.09
C GLN A 110 8.22 -25.40 -14.39
N ASP A 111 7.48 -24.40 -14.87
CA ASP A 111 7.63 -23.08 -14.29
C ASP A 111 7.11 -23.02 -12.86
N ALA A 112 5.93 -23.61 -12.61
CA ALA A 112 5.38 -23.62 -11.27
C ALA A 112 6.15 -24.52 -10.31
N GLN A 113 7.01 -25.42 -10.80
CA GLN A 113 7.66 -26.45 -9.99
C GLN A 113 6.58 -27.21 -9.20
N ALA A 114 5.58 -27.65 -9.95
CA ALA A 114 4.39 -28.25 -9.38
C ALA A 114 4.63 -29.74 -9.24
N LYS A 115 4.20 -30.28 -8.09
CA LYS A 115 4.33 -31.71 -7.88
C LYS A 115 3.02 -32.44 -8.08
N PHE A 116 1.94 -31.74 -8.37
CA PHE A 116 0.64 -32.40 -8.47
C PHE A 116 -0.09 -31.91 -9.72
N ALA A 117 -0.93 -32.79 -10.24
CA ALA A 117 -1.98 -32.47 -11.20
C ALA A 117 -3.28 -33.04 -10.68
N LEU A 118 -4.29 -32.20 -10.53
CA LEU A 118 -5.63 -32.60 -10.09
C LEU A 118 -6.54 -32.68 -11.30
N THR A 119 -7.27 -33.78 -11.43
CA THR A 119 -8.00 -34.00 -12.68
C THR A 119 -9.18 -34.93 -12.41
N THR A 120 -9.86 -35.35 -13.48
CA THR A 120 -10.97 -36.30 -13.39
C THR A 120 -10.48 -37.75 -13.57
N THR A 121 -11.31 -38.69 -13.14
CA THR A 121 -10.97 -40.11 -13.33
C THR A 121 -10.77 -40.43 -14.82
N GLU A 122 -11.63 -39.91 -15.68
CA GLU A 122 -11.50 -40.21 -17.11
C GLU A 122 -10.18 -39.67 -17.64
N LEU A 123 -9.85 -38.42 -17.28
CA LEU A 123 -8.62 -37.83 -17.81
C LEU A 123 -7.39 -38.52 -17.21
N LYS A 124 -7.40 -38.77 -15.89
CA LYS A 124 -6.26 -39.45 -15.27
C LYS A 124 -5.86 -40.73 -16.00
N ASP A 125 -6.84 -41.52 -16.45
CA ASP A 125 -6.47 -42.76 -17.10
C ASP A 125 -5.80 -42.53 -18.45
N LYS A 126 -6.06 -41.40 -19.09
CA LYS A 126 -5.39 -41.15 -20.38
C LYS A 126 -4.05 -40.42 -20.29
N ILE A 127 -3.82 -39.62 -19.25
CA ILE A 127 -2.66 -38.74 -19.21
C ILE A 127 -1.68 -39.11 -18.10
N ALA A 128 -2.02 -40.05 -17.22
CA ALA A 128 -1.14 -40.33 -16.08
C ALA A 128 0.20 -40.87 -16.57
N ASP A 129 0.18 -41.79 -17.52
CA ASP A 129 1.45 -42.35 -17.92
C ASP A 129 2.26 -41.38 -18.79
N ARG A 130 1.59 -40.48 -19.51
CA ARG A 130 2.31 -39.46 -20.27
C ARG A 130 2.91 -38.44 -19.34
N LEU A 131 2.20 -38.08 -18.28
CA LEU A 131 2.76 -37.14 -17.32
C LEU A 131 3.97 -37.73 -16.60
N GLU A 132 3.96 -39.04 -16.30
CA GLU A 132 5.13 -39.69 -15.71
C GLU A 132 6.33 -39.68 -16.68
N ALA A 133 6.07 -39.89 -17.97
CA ALA A 133 7.15 -39.80 -18.95
C ALA A 133 7.76 -38.39 -18.95
N LEU A 134 6.93 -37.35 -18.87
CA LEU A 134 7.43 -35.97 -18.91
C LEU A 134 7.95 -35.46 -17.57
N GLU A 135 7.37 -35.87 -16.44
CA GLU A 135 7.66 -35.25 -15.15
C GLU A 135 8.34 -36.15 -14.12
N GLY A 136 8.56 -37.42 -14.42
CA GLY A 136 9.15 -38.33 -13.45
C GLY A 136 8.12 -38.91 -12.50
N THR A 137 8.58 -39.90 -11.70
CA THR A 137 7.69 -40.68 -10.83
C THR A 137 7.24 -39.93 -9.59
N ASP A 138 7.94 -38.85 -9.22
CA ASP A 138 7.64 -38.04 -8.04
C ASP A 138 6.56 -37.00 -8.32
N PHE A 139 6.04 -36.97 -9.52
CA PHE A 139 4.90 -36.14 -9.85
C PHE A 139 3.64 -36.99 -9.70
N HIS A 140 2.64 -36.46 -9.02
CA HIS A 140 1.44 -37.22 -8.67
C HIS A 140 0.20 -36.65 -9.35
N CYS A 141 -0.41 -37.46 -10.18
CA CYS A 141 -1.66 -37.12 -10.84
C CYS A 141 -2.83 -37.69 -10.01
N LEU A 142 -3.65 -36.82 -9.42
CA LEU A 142 -4.73 -37.26 -8.53
C LEU A 142 -6.10 -36.95 -9.13
N ALA A 143 -7.05 -37.88 -9.01
CA ALA A 143 -8.43 -37.66 -9.43
C ALA A 143 -9.23 -37.18 -8.23
N THR A 144 -10.03 -36.16 -8.43
CA THR A 144 -10.79 -35.58 -7.33
C THR A 144 -12.28 -35.88 -7.39
N ASP A 145 -12.77 -36.47 -8.48
CA ASP A 145 -14.21 -36.60 -8.68
C ASP A 145 -14.80 -37.85 -8.01
N GLN A 146 -13.99 -38.70 -7.42
CA GLN A 146 -14.50 -39.87 -6.70
C GLN A 146 -14.16 -39.84 -5.21
N VAL A 147 -13.87 -38.66 -4.65
CA VAL A 147 -13.62 -38.54 -3.21
C VAL A 147 -14.95 -38.66 -2.46
N GLU A 148 -15.02 -39.62 -1.53
CA GLU A 148 -16.20 -39.74 -0.67
C GLU A 148 -16.34 -38.50 0.21
N LEU A 149 -17.59 -38.00 0.29
CA LEU A 149 -17.83 -36.75 0.99
C LEU A 149 -17.59 -36.89 2.47
N ILE A 150 -17.69 -38.12 3.03
CA ILE A 150 -17.46 -38.29 4.46
C ILE A 150 -16.02 -37.93 4.82
N SER A 151 -15.09 -38.03 3.87
CA SER A 151 -13.70 -37.75 4.20
C SER A 151 -13.47 -36.28 4.61
N GLY A 152 -14.39 -35.37 4.22
CA GLY A 152 -14.32 -34.00 4.72
C GLY A 152 -14.24 -33.88 6.24
N LYS A 153 -14.77 -34.86 6.98
CA LYS A 153 -14.63 -34.85 8.47
C LYS A 153 -13.17 -34.77 8.90
N ASN A 154 -12.24 -35.18 8.04
CA ASN A 154 -10.79 -35.18 8.39
C ASN A 154 -10.07 -33.90 7.94
N TRP A 155 -10.80 -32.95 7.37
CA TRP A 155 -10.19 -31.66 6.93
C TRP A 155 -9.65 -30.87 8.11
N GLN A 156 -8.38 -30.49 8.04
CA GLN A 156 -7.77 -29.62 9.06
C GLN A 156 -7.74 -28.19 8.50
N LYS A 157 -8.64 -27.33 9.00
CA LYS A 157 -8.72 -25.95 8.50
C LYS A 157 -7.42 -25.20 8.77
N PRO A 158 -6.68 -24.77 7.76
CA PRO A 158 -5.43 -24.05 8.04
C PRO A 158 -5.69 -22.66 8.59
N ASN A 159 -4.65 -22.12 9.25
CA ASN A 159 -4.60 -20.71 9.64
C ASN A 159 -4.28 -19.92 8.37
N ILE A 160 -5.26 -19.26 7.78
CA ILE A 160 -5.09 -18.53 6.53
C ILE A 160 -5.09 -17.04 6.85
N SER A 161 -4.04 -16.33 6.48
CA SER A 161 -4.11 -14.88 6.56
C SER A 161 -4.15 -14.30 5.15
N GLY A 162 -4.65 -13.07 5.04
CA GLY A 162 -4.82 -12.47 3.72
C GLY A 162 -3.55 -12.48 2.89
N THR A 163 -2.40 -12.33 3.54
CA THR A 163 -1.14 -12.26 2.80
C THR A 163 -0.69 -13.60 2.27
N ASP A 164 -1.37 -14.69 2.61
CA ASP A 164 -0.95 -15.99 2.13
C ASP A 164 -1.26 -16.15 0.63
N LEU A 165 -0.35 -16.77 -0.10
CA LEU A 165 -0.56 -17.04 -1.51
C LEU A 165 -1.74 -18.00 -1.71
N ALA A 166 -2.67 -17.63 -2.61
CA ALA A 166 -3.86 -18.46 -2.79
C ALA A 166 -3.72 -19.38 -4.01
N PHE A 167 -3.32 -18.86 -5.15
CA PHE A 167 -3.08 -19.64 -6.37
C PHE A 167 -2.22 -18.83 -7.33
N LEU A 168 -1.74 -19.55 -8.36
CA LEU A 168 -0.96 -18.90 -9.44
C LEU A 168 -1.87 -18.75 -10.65
N GLN A 169 -2.05 -17.51 -11.10
CA GLN A 169 -2.85 -17.28 -12.32
C GLN A 169 -1.87 -17.04 -13.46
N TYR A 170 -1.79 -18.00 -14.37
CA TYR A 170 -0.84 -17.86 -15.50
C TYR A 170 -1.44 -16.96 -16.58
N THR A 171 -0.63 -16.02 -17.07
CA THR A 171 -1.04 -15.15 -18.15
C THR A 171 -1.18 -15.97 -19.42
N SER A 172 -1.79 -15.37 -20.45
CA SER A 172 -2.21 -16.15 -21.60
C SER A 172 -1.04 -16.60 -22.45
N GLY A 173 0.05 -15.85 -22.43
CA GLY A 173 1.11 -16.08 -23.36
C GLY A 173 1.03 -15.23 -24.60
N SER A 174 0.26 -14.14 -24.56
CA SER A 174 0.08 -13.32 -25.78
C SER A 174 1.41 -12.72 -26.26
N THR A 175 2.21 -12.19 -25.34
CA THR A 175 3.44 -11.46 -25.68
C THR A 175 4.70 -12.23 -25.31
N GLY A 176 4.59 -13.42 -24.73
CA GLY A 176 5.77 -14.17 -24.35
C GLY A 176 5.31 -15.39 -23.59
N ASP A 177 6.25 -16.06 -22.92
CA ASP A 177 5.88 -17.23 -22.14
C ASP A 177 4.86 -16.86 -21.07
N PRO A 178 3.86 -17.72 -20.80
CA PRO A 178 2.98 -17.48 -19.65
C PRO A 178 3.77 -17.32 -18.36
N LYS A 179 3.48 -16.26 -17.62
CA LYS A 179 4.10 -15.98 -16.34
C LYS A 179 3.11 -16.23 -15.21
N GLY A 180 3.61 -16.72 -14.08
CA GLY A 180 2.72 -17.11 -13.01
C GLY A 180 2.44 -15.97 -12.05
N VAL A 181 1.23 -15.41 -12.09
CA VAL A 181 0.89 -14.32 -11.20
C VAL A 181 0.55 -14.90 -9.83
N MET A 182 1.23 -14.41 -8.79
CA MET A 182 1.03 -14.82 -7.40
C MET A 182 -0.13 -14.05 -6.79
N VAL A 183 -1.27 -14.71 -6.68
CA VAL A 183 -2.53 -14.09 -6.27
C VAL A 183 -2.78 -14.45 -4.81
N SER A 184 -2.90 -13.44 -3.96
CA SER A 184 -3.04 -13.74 -2.55
C SER A 184 -4.52 -13.86 -2.17
N HIS A 185 -4.76 -14.42 -0.98
CA HIS A 185 -6.13 -14.51 -0.48
C HIS A 185 -6.74 -13.12 -0.36
N HIS A 186 -5.93 -12.15 0.10
CA HIS A 186 -6.38 -10.76 0.20
C HIS A 186 -6.64 -10.16 -1.18
N ASN A 187 -5.80 -10.45 -2.15
CA ASN A 187 -6.11 -9.97 -3.51
C ASN A 187 -7.51 -10.41 -3.92
N LEU A 188 -7.84 -11.68 -3.66
CA LEU A 188 -9.12 -12.23 -4.08
C LEU A 188 -10.27 -11.51 -3.40
N ILE A 189 -10.15 -11.29 -2.08
CA ILE A 189 -11.21 -10.59 -1.36
C ILE A 189 -11.30 -9.16 -1.80
N HIS A 190 -10.15 -8.48 -1.93
CA HIS A 190 -10.17 -7.07 -2.29
C HIS A 190 -10.81 -6.87 -3.66
N ASN A 191 -10.41 -7.66 -4.64
CA ASN A 191 -10.93 -7.48 -5.99
C ASN A 191 -12.40 -7.84 -6.08
N SER A 192 -12.85 -8.87 -5.38
CA SER A 192 -14.28 -9.20 -5.38
C SER A 192 -15.10 -8.03 -4.89
N GLY A 193 -14.58 -7.33 -3.88
CA GLY A 193 -15.23 -6.12 -3.43
C GLY A 193 -15.26 -5.04 -4.49
N LEU A 194 -14.17 -4.90 -5.25
CA LEU A 194 -14.13 -3.92 -6.32
C LEU A 194 -15.14 -4.27 -7.40
N ILE A 195 -15.19 -5.54 -7.82
CA ILE A 195 -16.20 -6.00 -8.78
C ILE A 195 -17.59 -5.69 -8.27
N ASN A 196 -17.84 -5.95 -6.99
CA ASN A 196 -19.18 -5.72 -6.46
C ASN A 196 -19.49 -4.22 -6.34
N GLN A 197 -18.50 -3.37 -6.07
CA GLN A 197 -18.73 -1.93 -6.12
C GLN A 197 -19.23 -1.50 -7.50
N GLY A 198 -18.69 -2.11 -8.55
CA GLY A 198 -19.03 -1.67 -9.90
C GLY A 198 -20.30 -2.27 -10.47
N PHE A 199 -20.46 -3.58 -10.28
CA PHE A 199 -21.63 -4.30 -10.79
C PHE A 199 -22.84 -4.10 -9.92
N GLN A 200 -22.63 -3.94 -8.62
CA GLN A 200 -23.71 -3.77 -7.64
C GLN A 200 -24.68 -4.95 -7.66
N ASP A 201 -24.16 -6.17 -7.71
CA ASP A 201 -25.03 -7.32 -7.63
C ASP A 201 -25.40 -7.60 -6.18
N THR A 202 -26.55 -8.24 -5.99
CA THR A 202 -27.05 -8.66 -4.68
C THR A 202 -27.37 -10.16 -4.70
N GLU A 203 -27.87 -10.69 -3.56
CA GLU A 203 -28.22 -12.11 -3.48
C GLU A 203 -29.32 -12.48 -4.48
N ALA A 204 -30.21 -11.56 -4.77
CA ALA A 204 -31.21 -11.81 -5.79
C ALA A 204 -30.65 -11.75 -7.22
N SER A 205 -29.36 -11.44 -7.43
CA SER A 205 -28.89 -11.43 -8.81
C SER A 205 -28.87 -12.84 -9.39
N MET A 206 -29.03 -12.93 -10.71
CA MET A 206 -28.85 -14.19 -11.44
C MET A 206 -27.85 -13.95 -12.55
N GLY A 207 -26.90 -14.87 -12.69
CA GLY A 207 -25.88 -14.71 -13.71
C GLY A 207 -25.88 -15.87 -14.68
N VAL A 208 -25.30 -15.67 -15.85
CA VAL A 208 -24.92 -16.76 -16.73
C VAL A 208 -23.49 -16.48 -17.22
N SER A 209 -22.67 -17.53 -17.35
CA SER A 209 -21.35 -17.36 -17.93
C SER A 209 -21.02 -18.56 -18.80
N TRP A 210 -20.51 -18.30 -20.00
CA TRP A 210 -19.92 -19.34 -20.83
C TRP A 210 -18.40 -19.23 -20.84
N LEU A 211 -17.83 -18.24 -20.16
CA LEU A 211 -16.39 -18.00 -20.26
C LEU A 211 -15.62 -19.18 -19.71
N PRO A 212 -14.41 -19.46 -20.23
CA PRO A 212 -13.61 -20.57 -19.69
C PRO A 212 -13.26 -20.29 -18.24
N PRO A 213 -13.39 -21.30 -17.37
CA PRO A 213 -13.18 -21.07 -15.93
C PRO A 213 -11.72 -20.98 -15.54
N TYR A 214 -10.81 -21.23 -16.47
CA TYR A 214 -9.37 -21.39 -16.12
C TYR A 214 -8.64 -20.08 -15.91
N HIS A 215 -9.19 -18.95 -16.42
CA HIS A 215 -8.51 -17.63 -16.46
C HIS A 215 -9.32 -16.57 -15.70
N ASP A 216 -8.68 -15.47 -15.29
CA ASP A 216 -9.34 -14.41 -14.49
C ASP A 216 -10.82 -14.14 -14.78
N MET A 217 -11.20 -13.81 -16.03
CA MET A 217 -12.60 -13.36 -16.23
C MET A 217 -13.56 -14.48 -15.82
N GLY A 218 -13.33 -15.69 -16.34
CA GLY A 218 -14.23 -16.79 -16.03
C GLY A 218 -14.07 -17.34 -14.63
N LEU A 219 -12.90 -17.14 -14.01
CA LEU A 219 -12.60 -17.69 -12.68
C LEU A 219 -13.03 -16.71 -11.60
N ILE A 220 -12.37 -15.55 -11.54
CA ILE A 220 -12.66 -14.54 -10.51
C ILE A 220 -14.05 -14.01 -10.72
N GLY A 221 -14.44 -13.74 -11.97
CA GLY A 221 -15.74 -13.19 -12.20
C GLY A 221 -16.85 -14.22 -12.24
N GLY A 222 -16.65 -15.27 -13.02
CA GLY A 222 -17.71 -16.23 -13.22
C GLY A 222 -17.89 -17.20 -12.07
N ILE A 223 -16.82 -17.50 -11.33
CA ILE A 223 -16.89 -18.47 -10.23
C ILE A 223 -16.98 -17.78 -8.87
N LEU A 224 -16.00 -16.93 -8.56
CA LEU A 224 -15.90 -16.39 -7.21
C LEU A 224 -16.88 -15.23 -6.95
N GLN A 225 -17.15 -14.35 -7.92
CA GLN A 225 -18.09 -13.27 -7.63
C GLN A 225 -19.48 -13.77 -7.26
N PRO A 226 -20.07 -14.76 -7.92
CA PRO A 226 -21.38 -15.27 -7.42
C PRO A 226 -21.31 -15.69 -5.96
N ILE A 227 -20.28 -16.46 -5.59
CA ILE A 227 -20.10 -16.87 -4.19
C ILE A 227 -19.96 -15.65 -3.30
N TYR A 228 -19.20 -14.64 -3.75
CA TYR A 228 -18.98 -13.43 -2.95
C TYR A 228 -20.30 -12.74 -2.62
N VAL A 229 -21.22 -12.64 -3.58
CA VAL A 229 -22.44 -11.88 -3.33
C VAL A 229 -23.61 -12.77 -2.87
N GLY A 230 -23.46 -14.09 -2.87
CA GLY A 230 -24.53 -14.97 -2.42
C GLY A 230 -25.58 -15.26 -3.48
N ALA A 231 -25.19 -15.20 -4.74
CA ALA A 231 -26.07 -15.26 -5.88
C ALA A 231 -26.10 -16.67 -6.45
N THR A 232 -26.82 -16.83 -7.55
CA THR A 232 -26.90 -18.08 -8.30
C THR A 232 -26.31 -17.83 -9.68
N GLN A 233 -25.45 -18.73 -10.13
CA GLN A 233 -24.73 -18.58 -11.37
C GLN A 233 -25.00 -19.81 -12.25
N ILE A 234 -25.46 -19.57 -13.48
CA ILE A 234 -25.64 -20.60 -14.50
C ILE A 234 -24.37 -20.62 -15.36
N LEU A 235 -23.86 -21.83 -15.66
CA LEU A 235 -22.61 -22.02 -16.40
C LEU A 235 -22.82 -22.95 -17.59
N MET A 236 -22.08 -22.69 -18.67
CA MET A 236 -21.99 -23.57 -19.83
C MET A 236 -20.55 -23.51 -20.37
N PRO A 237 -20.09 -24.54 -21.06
CA PRO A 237 -18.71 -24.51 -21.60
C PRO A 237 -18.57 -23.50 -22.72
N PRO A 238 -17.36 -23.00 -22.96
CA PRO A 238 -17.18 -22.01 -24.03
C PRO A 238 -17.57 -22.57 -25.39
N VAL A 239 -17.36 -23.87 -25.60
CA VAL A 239 -17.65 -24.49 -26.89
C VAL A 239 -19.16 -24.52 -27.19
N ALA A 240 -20.02 -24.52 -26.16
CA ALA A 240 -21.47 -24.51 -26.38
C ALA A 240 -21.93 -23.19 -26.99
N PHE A 241 -21.38 -22.06 -26.49
CA PHE A 241 -21.70 -20.75 -27.06
C PHE A 241 -21.04 -20.55 -28.41
N LEU A 242 -19.78 -20.97 -28.56
CA LEU A 242 -19.07 -20.63 -29.79
C LEU A 242 -19.69 -21.37 -30.98
N GLN A 243 -20.25 -22.56 -30.73
CA GLN A 243 -20.91 -23.34 -31.77
C GLN A 243 -22.35 -22.92 -32.01
N ARG A 244 -22.98 -22.24 -31.08
CA ARG A 244 -24.35 -21.76 -31.26
C ARG A 244 -24.54 -20.55 -30.35
N PRO A 245 -24.19 -19.36 -30.83
CA PRO A 245 -24.23 -18.17 -29.98
C PRO A 245 -25.60 -17.87 -29.39
N PHE A 246 -26.66 -18.30 -30.05
CA PHE A 246 -28.02 -18.11 -29.53
C PHE A 246 -28.17 -18.66 -28.10
N ARG A 247 -27.39 -19.66 -27.70
CA ARG A 247 -27.62 -20.29 -26.38
C ARG A 247 -27.33 -19.33 -25.22
N TRP A 248 -26.37 -18.44 -25.41
CA TRP A 248 -26.04 -17.44 -24.39
C TRP A 248 -27.20 -16.51 -24.16
N LEU A 249 -27.74 -15.94 -25.24
CA LEU A 249 -28.83 -14.99 -25.13
C LEU A 249 -30.13 -15.69 -24.74
N LYS A 250 -30.32 -16.95 -25.17
CA LYS A 250 -31.51 -17.71 -24.76
C LYS A 250 -31.47 -18.05 -23.27
N ALA A 251 -30.27 -18.35 -22.74
CA ALA A 251 -30.13 -18.58 -21.31
C ALA A 251 -30.44 -17.33 -20.51
N ILE A 252 -29.93 -16.18 -20.96
CA ILE A 252 -30.27 -14.90 -20.34
C ILE A 252 -31.78 -14.71 -20.28
N ASN A 253 -32.49 -15.03 -21.37
CA ASN A 253 -33.92 -14.87 -21.42
C ASN A 253 -34.63 -15.82 -20.46
N ASP A 254 -34.17 -17.08 -20.45
CA ASP A 254 -34.87 -18.13 -19.72
C ASP A 254 -34.74 -17.95 -18.21
N TYR A 255 -33.59 -17.51 -17.73
CA TYR A 255 -33.36 -17.37 -16.30
C TYR A 255 -33.52 -15.94 -15.79
N ARG A 256 -33.96 -15.03 -16.65
CA ARG A 256 -34.04 -13.60 -16.33
C ARG A 256 -32.72 -13.10 -15.75
N VAL A 257 -31.63 -13.39 -16.46
CA VAL A 257 -30.31 -13.03 -15.97
C VAL A 257 -30.15 -11.52 -15.95
N SER A 258 -29.59 -11.00 -14.86
CA SER A 258 -29.31 -9.56 -14.76
C SER A 258 -27.88 -9.18 -15.19
N THR A 259 -26.92 -10.11 -15.07
CA THR A 259 -25.50 -9.80 -15.20
C THR A 259 -24.82 -10.88 -16.01
N SER A 260 -24.24 -10.48 -17.14
CA SER A 260 -23.49 -11.41 -17.97
C SER A 260 -22.56 -10.58 -18.87
N GLY A 261 -21.57 -11.23 -19.44
CA GLY A 261 -20.63 -10.44 -20.23
C GLY A 261 -19.61 -11.34 -20.92
N ALA A 262 -18.73 -10.69 -21.69
CA ALA A 262 -17.85 -11.45 -22.57
C ALA A 262 -16.87 -10.48 -23.24
N PRO A 263 -15.80 -10.96 -23.87
CA PRO A 263 -14.97 -10.07 -24.68
C PRO A 263 -15.75 -9.54 -25.89
N ASN A 264 -15.17 -8.50 -26.50
CA ASN A 264 -15.82 -7.77 -27.58
C ASN A 264 -16.30 -8.68 -28.71
N PHE A 265 -15.44 -9.65 -29.13
CA PHE A 265 -15.75 -10.49 -30.30
C PHE A 265 -17.04 -11.28 -30.10
N ALA A 266 -17.40 -11.59 -28.85
CA ALA A 266 -18.60 -12.38 -28.60
C ALA A 266 -19.85 -11.59 -28.93
N TYR A 267 -19.82 -10.26 -28.74
CA TYR A 267 -20.97 -9.47 -29.15
C TYR A 267 -21.09 -9.42 -30.68
N ASP A 268 -19.96 -9.40 -31.40
CA ASP A 268 -20.00 -9.49 -32.87
C ASP A 268 -20.54 -10.84 -33.31
N LEU A 269 -20.08 -11.90 -32.66
CA LEU A 269 -20.58 -13.24 -32.96
C LEU A 269 -22.10 -13.32 -32.79
N CYS A 270 -22.63 -12.77 -31.69
CA CYS A 270 -24.09 -12.82 -31.51
C CYS A 270 -24.81 -12.07 -32.62
N ALA A 271 -24.27 -10.88 -32.98
CA ALA A 271 -24.88 -10.02 -33.99
C ALA A 271 -24.85 -10.66 -35.36
N SER A 272 -23.85 -11.49 -35.63
CA SER A 272 -23.74 -12.11 -36.97
C SER A 272 -24.42 -13.47 -37.03
N GLN A 273 -24.43 -14.21 -35.92
CA GLN A 273 -24.92 -15.62 -36.01
C GLN A 273 -26.33 -15.84 -35.47
N ILE A 274 -27.00 -14.83 -34.96
CA ILE A 274 -28.35 -15.13 -34.40
C ILE A 274 -29.42 -14.67 -35.40
N THR A 275 -30.30 -15.58 -35.81
CA THR A 275 -31.30 -15.26 -36.86
C THR A 275 -32.39 -14.30 -36.34
N PRO A 276 -33.06 -13.58 -37.24
CA PRO A 276 -34.15 -12.70 -36.81
C PRO A 276 -35.27 -13.46 -36.10
N GLU A 277 -35.58 -14.66 -36.55
CA GLU A 277 -36.61 -15.43 -35.84
C GLU A 277 -36.15 -15.83 -34.44
N GLN A 278 -34.86 -16.18 -34.29
CA GLN A 278 -34.35 -16.44 -32.94
C GLN A 278 -34.48 -15.22 -32.04
N ILE A 279 -34.32 -14.02 -32.60
CA ILE A 279 -34.41 -12.75 -31.82
C ILE A 279 -35.86 -12.55 -31.36
N ARG A 280 -36.81 -13.10 -32.12
CA ARG A 280 -38.25 -13.00 -31.74
C ARG A 280 -38.48 -13.76 -30.43
N GLU A 281 -37.66 -14.76 -30.14
CA GLU A 281 -37.82 -15.59 -28.90
C GLU A 281 -37.11 -14.98 -27.68
N LEU A 282 -36.52 -13.79 -27.79
CA LEU A 282 -35.74 -13.25 -26.69
C LEU A 282 -36.46 -12.07 -26.06
N ASP A 283 -36.41 -12.04 -24.73
CA ASP A 283 -36.79 -10.89 -23.90
C ASP A 283 -35.58 -10.57 -23.03
N LEU A 284 -34.82 -9.55 -23.43
CA LEU A 284 -33.56 -9.18 -22.80
C LEU A 284 -33.66 -7.91 -21.96
N SER A 285 -34.88 -7.44 -21.68
CA SER A 285 -35.07 -6.25 -20.85
C SER A 285 -34.56 -6.43 -19.43
N CYS A 286 -34.36 -7.68 -19.01
CA CYS A 286 -33.82 -8.02 -17.69
C CYS A 286 -32.31 -7.91 -17.65
N TRP A 287 -31.64 -7.94 -18.82
CA TRP A 287 -30.19 -7.85 -18.88
C TRP A 287 -29.77 -6.41 -18.57
N ARG A 288 -29.47 -6.16 -17.29
CA ARG A 288 -29.14 -4.83 -16.78
C ARG A 288 -27.64 -4.52 -16.89
N LEU A 289 -26.77 -5.52 -16.81
CA LEU A 289 -25.33 -5.21 -16.88
C LEU A 289 -24.68 -6.15 -17.87
N ALA A 290 -24.25 -5.62 -19.02
CA ALA A 290 -23.60 -6.44 -20.05
C ALA A 290 -22.14 -6.03 -20.11
N PHE A 291 -21.27 -6.76 -19.43
CA PHE A 291 -19.90 -6.28 -19.38
C PHE A 291 -19.09 -6.75 -20.58
N SER A 292 -18.06 -5.96 -20.92
CA SER A 292 -17.16 -6.29 -22.05
C SER A 292 -15.74 -5.91 -21.66
N GLY A 293 -14.81 -6.84 -21.77
CA GLY A 293 -13.40 -6.58 -21.42
C GLY A 293 -12.53 -7.70 -21.92
N ALA A 294 -11.22 -7.64 -21.62
CA ALA A 294 -10.22 -8.66 -22.04
C ALA A 294 -9.71 -8.36 -23.45
N GLU A 295 -10.27 -7.34 -24.08
CA GLU A 295 -9.86 -7.01 -25.47
C GLU A 295 -10.35 -5.59 -25.84
N PRO A 296 -9.81 -4.93 -26.88
CA PRO A 296 -10.33 -3.63 -27.26
C PRO A 296 -11.85 -3.60 -27.44
N ILE A 297 -12.52 -2.64 -26.82
CA ILE A 297 -13.97 -2.45 -26.95
C ILE A 297 -14.19 -1.52 -28.14
N ARG A 298 -14.81 -2.05 -29.20
CA ARG A 298 -15.00 -1.31 -30.45
C ARG A 298 -16.38 -0.67 -30.49
N ALA A 299 -16.41 0.63 -30.82
CA ALA A 299 -17.68 1.37 -30.87
C ALA A 299 -18.64 0.77 -31.88
N VAL A 300 -18.13 0.30 -33.01
CA VAL A 300 -19.09 -0.22 -33.99
C VAL A 300 -19.68 -1.55 -33.50
N THR A 301 -18.93 -2.31 -32.70
CA THR A 301 -19.45 -3.57 -32.14
C THR A 301 -20.63 -3.31 -31.21
N LEU A 302 -20.45 -2.41 -30.25
CA LEU A 302 -21.53 -2.00 -29.35
C LEU A 302 -22.76 -1.54 -30.11
N GLU A 303 -22.56 -0.67 -31.12
CA GLU A 303 -23.70 -0.17 -31.89
C GLU A 303 -24.36 -1.28 -32.70
N ASN A 304 -23.59 -2.17 -33.33
CA ASN A 304 -24.21 -3.25 -34.08
C ASN A 304 -25.02 -4.17 -33.16
N PHE A 305 -24.46 -4.48 -31.99
CA PHE A 305 -25.17 -5.31 -31.03
C PHE A 305 -26.45 -4.63 -30.55
N ALA A 306 -26.33 -3.36 -30.13
CA ALA A 306 -27.48 -2.59 -29.66
C ALA A 306 -28.58 -2.52 -30.71
N LYS A 307 -28.22 -2.34 -31.97
CA LYS A 307 -29.25 -2.24 -33.01
C LYS A 307 -29.86 -3.59 -33.34
N THR A 308 -29.05 -4.66 -33.35
CA THR A 308 -29.56 -5.96 -33.74
C THR A 308 -30.57 -6.48 -32.73
N PHE A 309 -30.33 -6.21 -31.45
CA PHE A 309 -31.13 -6.79 -30.38
C PHE A 309 -32.03 -5.75 -29.70
N ALA A 310 -32.21 -4.60 -30.36
CA ALA A 310 -33.10 -3.58 -29.80
C ALA A 310 -34.53 -4.09 -29.70
N THR A 311 -35.02 -4.79 -30.72
CA THR A 311 -36.39 -5.31 -30.69
C THR A 311 -36.56 -6.42 -29.67
N ALA A 312 -35.48 -7.09 -29.26
CA ALA A 312 -35.56 -8.04 -28.16
C ALA A 312 -35.47 -7.37 -26.80
N GLY A 313 -35.41 -6.03 -26.75
CA GLY A 313 -35.44 -5.30 -25.50
C GLY A 313 -34.08 -5.07 -24.87
N PHE A 314 -33.01 -5.32 -25.62
CA PHE A 314 -31.68 -4.95 -25.09
C PHE A 314 -31.54 -3.43 -25.15
N GLN A 315 -31.07 -2.82 -24.06
CA GLN A 315 -30.79 -1.37 -24.07
C GLN A 315 -29.26 -1.17 -24.10
N LYS A 316 -28.77 -0.28 -24.96
CA LYS A 316 -27.31 0.02 -25.05
C LYS A 316 -26.77 0.52 -23.70
N SER A 317 -27.62 1.11 -22.87
CA SER A 317 -27.17 1.57 -21.56
C SER A 317 -26.78 0.43 -20.62
N ALA A 318 -27.09 -0.83 -20.97
CA ALA A 318 -26.63 -1.96 -20.15
C ALA A 318 -25.14 -2.23 -20.33
N PHE A 319 -24.56 -1.84 -21.46
CA PHE A 319 -23.14 -2.10 -21.67
C PHE A 319 -22.31 -1.54 -20.53
N TYR A 320 -21.34 -2.35 -20.07
CA TYR A 320 -20.50 -2.03 -18.92
C TYR A 320 -19.05 -2.33 -19.33
N PRO A 321 -18.39 -1.37 -19.97
CA PRO A 321 -16.98 -1.59 -20.34
C PRO A 321 -16.10 -1.71 -19.10
N CYS A 322 -15.09 -2.57 -19.19
CA CYS A 322 -14.20 -2.69 -18.04
C CYS A 322 -12.81 -3.08 -18.50
N TYR A 323 -11.84 -2.84 -17.61
CA TYR A 323 -10.45 -3.12 -17.90
C TYR A 323 -9.82 -3.75 -16.67
N GLY A 324 -9.02 -4.80 -16.91
CA GLY A 324 -8.20 -5.39 -15.88
C GLY A 324 -7.29 -6.44 -16.50
N MET A 325 -6.51 -7.08 -15.63
CA MET A 325 -5.52 -8.07 -16.04
C MET A 325 -5.21 -9.02 -14.89
N ALA A 326 -4.50 -10.10 -15.21
CA ALA A 326 -4.20 -11.10 -14.19
C ALA A 326 -3.37 -10.48 -13.08
N GLU A 327 -2.40 -9.61 -13.44
CA GLU A 327 -1.53 -8.93 -12.47
C GLU A 327 -2.29 -8.02 -11.51
N THR A 328 -3.47 -7.57 -11.89
CA THR A 328 -4.30 -6.80 -10.97
C THR A 328 -5.45 -7.61 -10.40
N THR A 329 -5.26 -8.95 -10.32
CA THR A 329 -6.25 -9.98 -9.91
C THR A 329 -7.35 -10.07 -10.96
N LEU A 330 -8.17 -9.03 -11.10
CA LEU A 330 -9.05 -8.88 -12.28
C LEU A 330 -9.27 -7.39 -12.56
N ILE A 331 -10.37 -6.83 -12.07
CA ILE A 331 -10.82 -5.51 -12.53
C ILE A 331 -9.97 -4.38 -11.96
N VAL A 332 -9.72 -3.36 -12.81
CA VAL A 332 -9.22 -2.06 -12.40
C VAL A 332 -10.29 -0.98 -12.56
N SER A 333 -10.96 -0.97 -13.70
CA SER A 333 -11.88 0.10 -13.99
C SER A 333 -13.11 -0.47 -14.68
N GLY A 334 -14.21 0.24 -14.57
CA GLY A 334 -15.40 -0.18 -15.29
C GLY A 334 -16.50 0.86 -15.21
N GLY A 335 -17.46 0.72 -16.12
CA GLY A 335 -18.67 1.51 -16.08
C GLY A 335 -18.57 2.74 -16.98
N ASN A 336 -19.71 3.44 -17.09
CA ASN A 336 -19.82 4.65 -17.91
C ASN A 336 -19.77 5.88 -17.06
N GLY A 337 -19.38 5.76 -15.81
CA GLY A 337 -19.46 6.93 -14.92
C GLY A 337 -20.86 7.51 -14.80
N ARG A 338 -21.01 8.83 -14.98
CA ARG A 338 -22.33 9.50 -14.80
C ARG A 338 -23.19 9.40 -16.08
N ALA A 339 -22.57 9.07 -17.21
CA ALA A 339 -23.31 8.92 -18.49
C ALA A 339 -24.12 7.63 -18.50
N GLN A 340 -25.18 7.58 -19.31
CA GLN A 340 -26.00 6.36 -19.46
C GLN A 340 -25.35 5.34 -20.38
N LEU A 341 -24.75 5.79 -21.49
CA LEU A 341 -24.10 4.96 -22.48
C LEU A 341 -22.59 4.98 -22.29
N PRO A 342 -21.87 3.96 -22.74
CA PRO A 342 -20.41 4.00 -22.65
C PRO A 342 -19.82 5.24 -23.33
N GLN A 343 -18.95 5.92 -22.59
CA GLN A 343 -18.33 7.13 -23.11
C GLN A 343 -17.43 6.82 -24.30
N GLU A 344 -17.51 7.65 -25.32
CA GLU A 344 -16.77 7.54 -26.56
C GLU A 344 -16.16 8.89 -26.89
N ILE A 345 -14.98 8.88 -27.50
CA ILE A 345 -14.39 10.13 -27.98
C ILE A 345 -13.98 9.95 -29.43
N ILE A 346 -14.04 11.03 -30.18
CA ILE A 346 -13.55 11.05 -31.56
C ILE A 346 -12.30 11.92 -31.59
N VAL A 347 -11.13 11.32 -31.83
CA VAL A 347 -9.88 12.07 -31.75
C VAL A 347 -9.07 11.86 -33.03
N SER A 348 -8.01 12.67 -33.17
CA SER A 348 -7.14 12.61 -34.34
C SER A 348 -6.33 11.32 -34.38
N LYS A 349 -6.41 10.54 -35.47
CA LYS A 349 -5.63 9.29 -35.60
C LYS A 349 -4.12 9.57 -35.59
N GLN A 350 -3.69 10.61 -36.31
CA GLN A 350 -2.26 10.97 -36.40
C GLN A 350 -1.78 11.38 -35.00
N GLY A 351 -2.61 12.09 -34.23
CA GLY A 351 -2.25 12.43 -32.85
C GLY A 351 -1.97 11.17 -32.05
N ILE A 352 -2.85 10.18 -32.17
CA ILE A 352 -2.68 8.92 -31.43
C ILE A 352 -1.33 8.28 -31.75
N GLU A 353 -0.95 8.25 -33.02
CA GLU A 353 0.35 7.75 -33.43
C GLU A 353 1.52 8.56 -32.85
N ALA A 354 1.28 9.81 -32.46
CA ALA A 354 2.29 10.63 -31.79
C ALA A 354 2.04 10.76 -30.28
N ASN A 355 1.33 9.80 -29.68
CA ASN A 355 1.12 9.79 -28.20
C ASN A 355 0.39 11.07 -27.74
N GLN A 356 -0.51 11.59 -28.56
CA GLN A 356 -1.29 12.78 -28.17
C GLN A 356 -2.80 12.55 -28.37
N VAL A 357 -3.60 13.06 -27.45
CA VAL A 357 -5.08 12.95 -27.58
C VAL A 357 -5.62 14.34 -27.87
N ARG A 358 -6.21 14.51 -29.05
CA ARG A 358 -6.65 15.83 -29.47
C ARG A 358 -7.69 15.67 -30.57
N PRO A 359 -8.56 16.67 -30.74
CA PRO A 359 -9.46 16.66 -31.91
C PRO A 359 -8.68 16.73 -33.21
N ALA A 360 -9.29 16.24 -34.28
CA ALA A 360 -8.70 16.36 -35.63
C ALA A 360 -8.87 17.79 -36.14
N GLN A 361 -7.76 18.46 -36.44
CA GLN A 361 -7.81 19.73 -37.18
C GLN A 361 -6.89 19.66 -38.42
N GLU A 364 -7.08 16.03 -41.08
CA GLU A 364 -6.62 14.70 -40.69
C GLU A 364 -7.79 13.75 -40.35
N THR A 365 -7.51 12.45 -40.21
CA THR A 365 -8.55 11.44 -40.01
C THR A 365 -8.76 11.14 -38.52
N THR A 366 -9.95 10.63 -38.21
CA THR A 366 -10.34 10.45 -36.82
C THR A 366 -10.53 8.98 -36.50
N VAL A 367 -10.30 8.64 -35.25
CA VAL A 367 -10.57 7.33 -34.70
C VAL A 367 -11.54 7.54 -33.54
N THR A 368 -12.44 6.56 -33.35
CA THR A 368 -13.37 6.55 -32.23
C THR A 368 -12.89 5.56 -31.18
N LEU A 369 -12.71 6.02 -29.96
CA LEU A 369 -12.27 5.19 -28.85
C LEU A 369 -13.36 5.16 -27.78
N VAL A 370 -13.56 3.97 -27.22
CA VAL A 370 -14.51 3.72 -26.16
C VAL A 370 -13.74 3.66 -24.87
N GLY A 371 -14.20 4.41 -23.86
CA GLY A 371 -13.57 4.34 -22.55
C GLY A 371 -13.81 3.01 -21.87
N SER A 372 -12.85 2.58 -21.06
CA SER A 372 -12.97 1.31 -20.34
C SER A 372 -13.40 1.49 -18.88
N GLY A 373 -14.04 2.60 -18.55
CA GLY A 373 -14.59 2.78 -17.24
C GLY A 373 -13.80 3.74 -16.38
N GLU A 374 -14.35 3.99 -15.20
CA GLU A 374 -13.72 4.77 -14.16
C GLU A 374 -13.00 3.86 -13.19
N VAL A 375 -11.87 4.33 -12.68
CA VAL A 375 -11.12 3.53 -11.71
C VAL A 375 -12.00 3.24 -10.49
N ILE A 376 -12.06 2.00 -10.06
CA ILE A 376 -13.01 1.60 -9.04
C ILE A 376 -12.35 1.66 -7.68
N GLY A 377 -12.99 2.33 -6.75
CA GLY A 377 -12.61 2.15 -5.36
C GLY A 377 -11.34 2.89 -4.98
N ASP A 378 -10.58 2.31 -4.06
CA ASP A 378 -9.40 3.00 -3.47
C ASP A 378 -8.09 2.81 -4.23
N GLN A 379 -8.13 2.24 -5.43
CA GLN A 379 -6.90 2.02 -6.21
C GLN A 379 -6.52 3.29 -6.99
N ILE A 380 -5.24 3.41 -7.35
CA ILE A 380 -4.74 4.63 -8.05
C ILE A 380 -4.19 4.25 -9.43
N VAL A 381 -4.52 5.04 -10.44
CA VAL A 381 -4.06 4.80 -11.79
C VAL A 381 -3.33 6.04 -12.28
N LYS A 382 -2.15 5.84 -12.82
CA LYS A 382 -1.37 6.95 -13.39
C LYS A 382 -0.94 6.55 -14.78
N ILE A 383 -0.76 7.54 -15.62
CA ILE A 383 -0.28 7.38 -16.98
C ILE A 383 1.17 7.88 -17.01
N VAL A 384 2.11 7.01 -17.34
CA VAL A 384 3.53 7.31 -17.16
C VAL A 384 4.31 7.08 -18.45
N ASP A 385 5.17 8.04 -18.80
CA ASP A 385 6.08 7.84 -19.92
C ASP A 385 6.91 6.59 -19.66
N PRO A 386 6.90 5.55 -20.53
CA PRO A 386 7.59 4.28 -20.26
C PRO A 386 9.13 4.27 -20.32
N GLN A 387 9.73 5.32 -20.86
CA GLN A 387 11.22 5.39 -20.87
C GLN A 387 11.72 6.39 -19.82
N ALA A 388 11.13 7.58 -19.76
CA ALA A 388 11.57 8.64 -18.81
C ALA A 388 11.07 8.36 -17.40
N LEU A 389 9.94 7.67 -17.28
CA LEU A 389 9.34 7.35 -15.96
C LEU A 389 8.88 8.66 -15.34
N THR A 390 8.36 9.57 -16.16
CA THR A 390 7.78 10.83 -15.69
C THR A 390 6.28 10.76 -15.97
N GLU A 391 5.49 11.41 -15.13
CA GLU A 391 4.04 11.28 -15.27
C GLU A 391 3.58 12.12 -16.45
N CYS A 392 2.72 11.55 -17.29
CA CYS A 392 2.22 12.34 -18.41
C CYS A 392 1.29 13.44 -17.92
N THR A 393 1.23 14.52 -18.68
CA THR A 393 0.23 15.55 -18.47
C THR A 393 -1.06 15.15 -19.16
N VAL A 394 -2.09 15.97 -19.05
CA VAL A 394 -3.39 15.62 -19.63
C VAL A 394 -3.29 15.73 -21.15
N GLY A 395 -3.92 14.78 -21.86
CA GLY A 395 -3.81 14.72 -23.31
C GLY A 395 -2.63 13.93 -23.84
N GLU A 396 -1.82 13.34 -22.96
CA GLU A 396 -0.65 12.59 -23.33
C GLU A 396 -0.93 11.12 -23.06
N ILE A 397 -0.53 10.29 -23.99
CA ILE A 397 -0.63 8.85 -23.90
C ILE A 397 0.65 8.29 -23.31
N GLY A 398 0.54 7.38 -22.36
CA GLY A 398 1.71 6.70 -21.85
C GLY A 398 1.32 5.34 -21.28
N GLU A 399 2.18 4.76 -20.44
CA GLU A 399 1.88 3.44 -19.90
C GLU A 399 0.94 3.55 -18.71
N VAL A 400 -0.01 2.59 -18.63
CA VAL A 400 -0.95 2.54 -17.50
C VAL A 400 -0.24 1.88 -16.32
N TRP A 401 -0.13 2.61 -15.22
CA TRP A 401 0.44 2.14 -13.97
C TRP A 401 -0.66 2.05 -12.92
N VAL A 402 -0.67 0.99 -12.12
CA VAL A 402 -1.76 0.73 -11.18
C VAL A 402 -1.16 0.54 -9.79
N LYS A 403 -1.67 1.24 -8.81
CA LYS A 403 -1.30 0.91 -7.44
C LYS A 403 -2.56 0.60 -6.63
N GLY A 404 -2.54 -0.52 -5.91
CA GLY A 404 -3.66 -0.93 -5.05
C GLY A 404 -3.54 -2.31 -4.44
N GLU A 405 -4.49 -2.68 -3.59
CA GLU A 405 -4.49 -4.00 -2.88
C GLU A 405 -4.84 -5.18 -3.80
N SER A 406 -5.38 -4.93 -4.98
CA SER A 406 -5.63 -6.02 -5.97
C SER A 406 -4.38 -6.28 -6.81
N VAL A 407 -3.36 -5.41 -6.72
CA VAL A 407 -2.13 -5.72 -7.41
C VAL A 407 -1.54 -6.96 -6.76
N ALA A 408 -1.24 -7.97 -7.58
CA ALA A 408 -0.74 -9.25 -7.10
C ALA A 408 0.60 -9.14 -6.38
N GLN A 409 1.11 -10.25 -5.84
CA GLN A 409 2.36 -10.26 -5.09
C GLN A 409 3.61 -10.23 -5.96
N GLY A 410 3.52 -10.52 -7.27
CA GLY A 410 4.62 -10.55 -8.21
C GLY A 410 4.47 -11.74 -9.16
N TYR A 411 5.54 -12.03 -9.90
CA TYR A 411 5.58 -13.20 -10.77
C TYR A 411 6.34 -14.30 -10.07
N TRP A 412 5.75 -15.51 -10.06
CA TRP A 412 6.33 -16.69 -9.43
C TRP A 412 7.75 -16.98 -9.95
N GLN A 413 8.72 -16.94 -9.02
CA GLN A 413 10.12 -17.30 -9.27
C GLN A 413 10.75 -16.50 -10.41
N LYS A 414 10.35 -15.23 -10.55
CA LYS A 414 10.96 -14.27 -11.48
C LYS A 414 11.34 -13.01 -10.70
N PRO A 415 12.35 -13.10 -9.84
CA PRO A 415 12.58 -11.94 -8.97
C PRO A 415 13.02 -10.70 -9.75
N ASP A 416 13.80 -10.86 -10.83
CA ASP A 416 14.20 -9.70 -11.63
C ASP A 416 12.98 -9.05 -12.32
N LEU A 417 12.15 -9.87 -12.98
CA LEU A 417 11.01 -9.32 -13.68
C LEU A 417 10.00 -8.73 -12.70
N THR A 418 9.81 -9.39 -11.54
CA THR A 418 8.92 -8.86 -10.51
C THR A 418 9.34 -7.47 -10.09
N GLN A 419 10.64 -7.28 -9.85
CA GLN A 419 11.16 -5.97 -9.43
C GLN A 419 10.94 -4.91 -10.50
N GLN A 420 11.22 -5.26 -11.76
CA GLN A 420 11.00 -4.33 -12.87
C GLN A 420 9.54 -3.91 -12.99
N GLN A 421 8.61 -4.87 -12.96
CA GLN A 421 7.18 -4.57 -13.24
C GLN A 421 6.34 -4.18 -12.01
N PHE A 422 6.64 -4.69 -10.82
CA PHE A 422 5.80 -4.45 -9.62
C PHE A 422 6.36 -3.33 -8.73
N GLN A 423 7.56 -2.85 -9.03
CA GLN A 423 8.18 -1.75 -8.23
C GLN A 423 8.39 -0.55 -9.15
N GLY A 424 7.29 -0.01 -9.66
CA GLY A 424 7.35 1.17 -10.54
C GLY A 424 7.47 2.45 -9.76
N ASN A 425 8.49 3.23 -10.08
CA ASN A 425 8.71 4.52 -9.43
C ASN A 425 8.56 5.67 -10.46
N VAL A 426 7.82 6.70 -10.07
CA VAL A 426 7.54 7.86 -10.92
C VAL A 426 7.44 9.06 -9.99
N GLY A 427 8.17 10.10 -10.31
CA GLY A 427 8.18 11.27 -9.45
C GLY A 427 8.44 10.84 -8.03
N ALA A 428 7.63 11.35 -7.10
CA ALA A 428 7.76 10.99 -5.70
C ALA A 428 6.97 9.72 -5.31
N GLU A 429 6.49 8.93 -6.29
CA GLU A 429 5.68 7.73 -6.05
C GLU A 429 6.50 6.45 -6.17
N THR A 430 6.06 5.40 -5.46
CA THR A 430 6.72 4.10 -5.55
C THR A 430 5.68 3.01 -5.53
N GLY A 431 6.09 1.79 -5.86
CA GLY A 431 5.21 0.65 -5.69
C GLY A 431 4.11 0.52 -6.72
N PHE A 432 4.32 1.02 -7.94
CA PHE A 432 3.31 0.91 -9.00
C PHE A 432 3.49 -0.36 -9.81
N LEU A 433 2.39 -0.94 -10.26
CA LEU A 433 2.43 -2.04 -11.22
C LEU A 433 2.49 -1.46 -12.61
N ARG A 434 3.47 -1.89 -13.41
CA ARG A 434 3.57 -1.50 -14.81
C ARG A 434 2.78 -2.50 -15.65
N THR A 435 1.64 -2.06 -16.19
CA THR A 435 0.73 -3.00 -16.85
C THR A 435 1.24 -3.46 -18.20
N GLY A 436 2.09 -2.66 -18.86
CA GLY A 436 2.37 -2.99 -20.24
C GLY A 436 1.27 -2.59 -21.20
N ASP A 437 0.29 -1.81 -20.75
CA ASP A 437 -0.72 -1.28 -21.65
C ASP A 437 -0.52 0.21 -21.83
N LEU A 438 -0.81 0.70 -23.03
CA LEU A 438 -0.76 2.14 -23.30
C LEU A 438 -2.18 2.69 -23.17
N GLY A 439 -2.26 3.94 -22.74
CA GLY A 439 -3.53 4.61 -22.66
C GLY A 439 -3.42 5.99 -22.05
N PHE A 440 -4.56 6.49 -21.63
CA PHE A 440 -4.65 7.87 -21.17
C PHE A 440 -5.92 8.04 -20.35
N LEU A 441 -5.98 9.14 -19.61
CA LEU A 441 -7.15 9.48 -18.81
C LEU A 441 -7.86 10.65 -19.44
N GLN A 442 -9.19 10.59 -19.52
CA GLN A 442 -10.01 11.65 -20.11
C GLN A 442 -11.41 11.66 -19.49
N GLY A 443 -11.74 12.73 -18.79
CA GLY A 443 -13.05 12.86 -18.19
C GLY A 443 -13.36 11.85 -17.10
N GLY A 444 -12.34 11.37 -16.37
CA GLY A 444 -12.51 10.33 -15.38
C GLY A 444 -12.48 8.92 -15.93
N GLU A 445 -12.54 8.74 -17.24
CA GLU A 445 -12.48 7.44 -17.87
C GLU A 445 -11.05 7.06 -18.21
N LEU A 446 -10.78 5.78 -18.04
CA LEU A 446 -9.54 5.18 -18.50
C LEU A 446 -9.78 4.67 -19.91
N TYR A 447 -9.01 5.17 -20.89
CA TYR A 447 -9.00 4.64 -22.25
C TYR A 447 -7.72 3.84 -22.48
N ILE A 448 -7.85 2.67 -23.09
CA ILE A 448 -6.71 1.81 -23.40
C ILE A 448 -6.52 1.81 -24.92
N THR A 449 -5.30 2.14 -25.38
CA THR A 449 -5.01 2.12 -26.81
C THR A 449 -4.33 0.84 -27.29
N GLY A 450 -3.58 0.15 -26.44
CA GLY A 450 -3.00 -1.11 -26.86
C GLY A 450 -1.89 -1.58 -25.95
N ARG A 451 -1.20 -2.64 -26.40
CA ARG A 451 -0.09 -3.24 -25.67
C ARG A 451 1.21 -2.60 -26.12
N LEU A 452 2.04 -2.23 -25.16
CA LEU A 452 3.36 -1.66 -25.42
C LEU A 452 4.26 -2.63 -26.16
N LYS A 453 4.31 -3.90 -25.73
CA LYS A 453 5.19 -4.89 -26.33
C LYS A 453 4.80 -5.24 -27.77
N ASP A 454 3.56 -5.02 -28.18
CA ASP A 454 3.16 -5.29 -29.57
C ASP A 454 3.21 -4.04 -30.46
N LEU A 455 3.47 -2.86 -29.89
CA LEU A 455 3.47 -1.61 -30.65
C LEU A 455 4.51 -1.66 -31.74
N LEU A 456 4.14 -1.16 -32.93
CA LEU A 456 5.03 -1.13 -34.09
C LEU A 456 5.55 0.30 -34.32
N ILE A 457 6.88 0.44 -34.33
CA ILE A 457 7.55 1.72 -34.67
C ILE A 457 8.22 1.57 -36.03
N ILE A 458 7.64 2.21 -37.04
CA ILE A 458 8.08 2.07 -38.42
C ILE A 458 8.18 3.47 -39.03
N ARG A 459 9.27 3.74 -39.74
CA ARG A 459 9.48 5.04 -40.39
C ARG A 459 9.26 6.17 -39.40
N GLY A 460 9.76 6.02 -38.18
CA GLY A 460 9.63 7.09 -37.21
C GLY A 460 8.25 7.34 -36.62
N ARG A 461 7.31 6.42 -36.79
CA ARG A 461 5.96 6.62 -36.29
C ARG A 461 5.47 5.38 -35.55
N ASN A 462 4.57 5.60 -34.59
CA ASN A 462 3.96 4.52 -33.82
C ASN A 462 2.72 4.04 -34.56
N HIS A 463 2.44 2.73 -34.45
CA HIS A 463 1.28 2.11 -35.10
C HIS A 463 0.81 0.97 -34.21
N TYR A 464 -0.47 0.93 -33.98
CA TYR A 464 -1.06 -0.16 -33.20
C TYR A 464 -1.43 -1.31 -34.12
N PRO A 465 -0.96 -2.53 -33.86
CA PRO A 465 -1.18 -3.63 -34.81
C PRO A 465 -2.63 -4.04 -34.93
N GLN A 466 -3.42 -3.96 -33.84
CA GLN A 466 -4.84 -4.28 -33.94
C GLN A 466 -5.53 -3.35 -34.95
N ASP A 467 -5.04 -2.11 -35.08
CA ASP A 467 -5.60 -1.18 -36.06
C ASP A 467 -5.28 -1.65 -37.48
N ILE A 468 -4.03 -2.06 -37.71
CA ILE A 468 -3.64 -2.54 -39.04
C ILE A 468 -4.33 -3.85 -39.37
N GLU A 469 -4.47 -4.76 -38.37
CA GLU A 469 -5.08 -6.07 -38.61
C GLU A 469 -6.55 -5.93 -39.01
N LEU A 470 -7.24 -4.97 -38.40
CA LEU A 470 -8.63 -4.71 -38.75
C LEU A 470 -8.74 -4.17 -40.16
N THR A 471 -7.83 -3.29 -40.56
CA THR A 471 -7.84 -2.80 -41.92
C THR A 471 -7.62 -3.94 -42.91
N VAL A 472 -6.70 -4.87 -42.60
CA VAL A 472 -6.37 -5.95 -43.54
C VAL A 472 -7.54 -6.92 -43.71
N GLU A 473 -8.14 -7.35 -42.59
CA GLU A 473 -9.10 -8.44 -42.66
C GLU A 473 -10.30 -8.13 -43.54
N VAL A 474 -10.73 -6.87 -43.59
CA VAL A 474 -11.87 -6.48 -44.42
C VAL A 474 -11.46 -6.11 -45.85
N ALA A 475 -10.17 -6.15 -46.18
CA ALA A 475 -9.71 -5.73 -47.51
C ALA A 475 -10.14 -6.67 -48.63
N HIS A 476 -10.43 -7.93 -48.32
CA HIS A 476 -10.78 -8.91 -49.33
C HIS A 476 -11.65 -9.98 -48.69
N PRO A 477 -12.61 -10.53 -49.44
CA PRO A 477 -13.45 -11.62 -48.91
C PRO A 477 -12.68 -12.89 -48.56
N ALA A 478 -11.51 -13.09 -49.13
CA ALA A 478 -10.74 -14.32 -48.92
C ALA A 478 -10.09 -14.40 -47.57
N LEU A 479 -10.03 -13.31 -46.80
CA LEU A 479 -9.29 -13.27 -45.55
C LEU A 479 -10.22 -13.50 -44.37
N ARG A 480 -9.79 -14.36 -43.43
CA ARG A 480 -10.67 -14.73 -42.32
C ARG A 480 -10.52 -13.71 -41.21
N GLN A 481 -11.65 -13.19 -40.74
CA GLN A 481 -11.61 -12.18 -39.70
C GLN A 481 -11.02 -12.75 -38.41
N GLY A 482 -10.31 -11.89 -37.68
CA GLY A 482 -9.82 -12.22 -36.37
C GLY A 482 -8.62 -13.15 -36.36
N ALA A 483 -8.04 -13.45 -37.49
CA ALA A 483 -6.95 -14.42 -37.58
C ALA A 483 -5.79 -13.83 -38.38
N GLY A 484 -5.36 -12.64 -38.00
CA GLY A 484 -4.22 -11.99 -38.65
C GLY A 484 -3.35 -11.31 -37.61
N ALA A 485 -2.11 -10.97 -38.03
CA ALA A 485 -1.15 -10.31 -37.18
C ALA A 485 -0.33 -9.33 -38.02
N ALA A 486 -0.12 -8.11 -37.49
CA ALA A 486 0.81 -7.13 -38.07
C ALA A 486 2.03 -7.06 -37.16
N VAL A 487 3.19 -7.39 -37.71
CA VAL A 487 4.42 -7.35 -36.93
C VAL A 487 5.45 -6.57 -37.72
N SER A 488 6.52 -6.17 -37.05
CA SER A 488 7.63 -5.50 -37.72
C SER A 488 8.83 -6.42 -37.70
N VAL A 489 9.64 -6.36 -38.76
CA VAL A 489 10.85 -7.18 -38.88
C VAL A 489 11.97 -6.27 -39.34
N ASP A 490 13.18 -6.61 -38.92
CA ASP A 490 14.33 -5.79 -39.29
C ASP A 490 14.76 -6.07 -40.74
N VAL A 491 14.86 -5.03 -41.55
CA VAL A 491 15.35 -5.12 -42.92
C VAL A 491 16.53 -4.15 -43.06
N ASN A 492 17.75 -4.67 -43.02
CA ASN A 492 18.96 -3.87 -43.11
C ASN A 492 18.96 -2.75 -42.08
N GLY A 493 18.64 -3.12 -40.82
CA GLY A 493 18.62 -2.18 -39.73
C GLY A 493 17.37 -1.34 -39.62
N GLU A 494 16.39 -1.53 -40.50
CA GLU A 494 15.18 -0.72 -40.50
C GLU A 494 13.97 -1.60 -40.23
N GLU A 495 13.12 -1.18 -39.30
CA GLU A 495 11.90 -1.93 -39.04
C GLU A 495 10.94 -1.78 -40.21
N GLN A 496 10.32 -2.88 -40.60
CA GLN A 496 9.41 -2.92 -41.74
C GLN A 496 8.22 -3.79 -41.39
N LEU A 497 7.05 -3.47 -41.96
CA LEU A 497 5.82 -4.17 -41.64
C LEU A 497 5.72 -5.52 -42.36
N VAL A 498 5.37 -6.58 -41.61
CA VAL A 498 5.04 -7.88 -42.20
C VAL A 498 3.63 -8.26 -41.74
N ILE A 499 2.84 -8.82 -42.66
CA ILE A 499 1.46 -9.23 -42.43
C ILE A 499 1.40 -10.76 -42.47
N VAL A 500 0.81 -11.35 -41.45
CA VAL A 500 0.54 -12.78 -41.41
C VAL A 500 -0.98 -12.93 -41.27
N GLN A 501 -1.63 -13.57 -42.25
CA GLN A 501 -3.08 -13.50 -42.34
C GLN A 501 -3.64 -14.82 -42.85
N GLU A 502 -4.62 -15.37 -42.12
CA GLU A 502 -5.30 -16.60 -42.56
C GLU A 502 -6.27 -16.30 -43.70
N VAL A 503 -6.32 -17.21 -44.65
CA VAL A 503 -7.37 -17.13 -45.66
C VAL A 503 -8.48 -18.10 -45.29
N GLU A 504 -9.69 -17.80 -45.74
CA GLU A 504 -10.83 -18.65 -45.46
C GLU A 504 -10.70 -20.02 -46.14
N ARG A 505 -11.34 -21.03 -45.53
CA ARG A 505 -11.25 -22.41 -46.05
C ARG A 505 -11.78 -22.48 -47.47
N LYS A 506 -12.83 -21.73 -47.75
CA LYS A 506 -13.43 -21.79 -49.08
C LYS A 506 -12.57 -21.14 -50.17
N TYR A 507 -11.62 -20.27 -49.82
CA TYR A 507 -10.76 -19.61 -50.79
C TYR A 507 -9.35 -20.19 -50.83
N ALA A 508 -9.04 -21.21 -50.01
CA ALA A 508 -7.66 -21.71 -49.96
C ALA A 508 -7.27 -22.42 -51.26
N ARG A 509 -8.23 -22.97 -51.99
CA ARG A 509 -7.89 -23.70 -53.21
C ARG A 509 -7.85 -22.83 -54.45
N LYS A 510 -8.46 -21.65 -54.43
CA LYS A 510 -8.52 -20.78 -55.61
C LYS A 510 -7.90 -19.42 -55.32
N LEU A 511 -6.87 -19.37 -54.49
CA LEU A 511 -6.42 -18.10 -53.97
C LEU A 511 -5.54 -17.42 -55.00
N ASN A 512 -5.98 -16.25 -55.45
CA ASN A 512 -5.18 -15.37 -56.32
C ASN A 512 -4.34 -14.49 -55.40
N VAL A 513 -3.11 -14.93 -55.14
CA VAL A 513 -2.28 -14.26 -54.14
C VAL A 513 -1.99 -12.81 -54.56
N ALA A 514 -1.65 -12.58 -55.83
CA ALA A 514 -1.33 -11.23 -56.29
C ALA A 514 -2.52 -10.27 -56.15
N ALA A 515 -3.72 -10.69 -56.53
CA ALA A 515 -4.89 -9.82 -56.43
C ALA A 515 -5.22 -9.50 -54.97
N VAL A 516 -5.25 -10.51 -54.11
CA VAL A 516 -5.55 -10.26 -52.69
C VAL A 516 -4.43 -9.46 -52.02
N ALA A 517 -3.18 -9.79 -52.31
CA ALA A 517 -2.08 -8.99 -51.77
C ALA A 517 -2.22 -7.51 -52.19
N GLN A 518 -2.60 -7.28 -53.44
CA GLN A 518 -2.79 -5.91 -53.92
C GLN A 518 -3.87 -5.18 -53.12
N ALA A 519 -4.99 -5.87 -52.85
CA ALA A 519 -6.08 -5.27 -52.06
C ALA A 519 -5.57 -4.92 -50.65
N ILE A 520 -4.72 -5.77 -50.09
CA ILE A 520 -4.18 -5.50 -48.75
C ILE A 520 -3.25 -4.31 -48.79
N ARG A 521 -2.35 -4.24 -49.77
CA ARG A 521 -1.47 -3.09 -49.87
C ARG A 521 -2.27 -1.80 -50.03
N GLY A 522 -3.35 -1.84 -50.82
CA GLY A 522 -4.15 -0.64 -50.98
C GLY A 522 -4.85 -0.22 -49.70
N ALA A 523 -5.37 -1.17 -48.94
CA ALA A 523 -6.05 -0.79 -47.70
C ALA A 523 -5.08 -0.19 -46.69
N ILE A 524 -3.90 -0.77 -46.54
CA ILE A 524 -2.93 -0.28 -45.56
C ILE A 524 -2.40 1.09 -45.97
N ALA A 525 -2.18 1.29 -47.28
CA ALA A 525 -1.68 2.58 -47.77
C ALA A 525 -2.67 3.70 -47.46
N ALA A 526 -3.96 3.47 -47.72
CA ALA A 526 -4.98 4.50 -47.53
C ALA A 526 -5.15 4.85 -46.05
N GLU A 527 -5.22 3.84 -45.18
CA GLU A 527 -5.55 4.08 -43.79
C GLU A 527 -4.35 4.36 -42.91
N HIS A 528 -3.17 3.82 -43.25
CA HIS A 528 -2.01 3.92 -42.37
C HIS A 528 -0.73 4.44 -43.02
N GLN A 529 -0.70 4.66 -44.35
CA GLN A 529 0.48 5.19 -45.06
C GLN A 529 1.71 4.33 -44.84
N LEU A 530 1.52 3.01 -44.86
CA LEU A 530 2.58 2.03 -44.66
C LEU A 530 2.63 1.11 -45.87
N GLN A 531 3.79 0.57 -46.15
CA GLN A 531 3.99 -0.38 -47.25
C GLN A 531 4.52 -1.67 -46.66
N PRO A 532 3.75 -2.77 -46.70
CA PRO A 532 4.26 -4.04 -46.14
C PRO A 532 5.50 -4.52 -46.89
N GLN A 533 6.51 -4.92 -46.11
CA GLN A 533 7.64 -5.65 -46.66
C GLN A 533 7.19 -6.99 -47.26
N ALA A 534 6.24 -7.64 -46.59
CA ALA A 534 5.79 -8.95 -47.06
C ALA A 534 4.40 -9.29 -46.54
N ILE A 535 3.66 -10.09 -47.31
CA ILE A 535 2.34 -10.57 -46.85
C ILE A 535 2.40 -12.10 -46.90
N CYS A 536 2.17 -12.76 -45.77
CA CYS A 536 2.23 -14.23 -45.69
C CYS A 536 0.82 -14.77 -45.47
N PHE A 537 0.31 -15.51 -46.44
CA PHE A 537 -1.04 -16.10 -46.35
C PHE A 537 -0.88 -17.50 -45.74
N ILE A 538 -1.66 -17.81 -44.73
CA ILE A 538 -1.53 -19.08 -44.02
C ILE A 538 -2.88 -19.80 -43.92
N LYS A 539 -2.79 -21.09 -43.62
CA LYS A 539 -3.97 -21.96 -43.62
C LYS A 539 -4.92 -21.61 -42.48
N PRO A 540 -6.22 -21.75 -42.73
CA PRO A 540 -7.22 -21.48 -41.69
C PRO A 540 -6.99 -22.38 -40.49
N GLY A 541 -7.06 -21.78 -39.29
CA GLY A 541 -6.78 -22.47 -38.05
C GLY A 541 -5.32 -22.57 -37.64
N SER A 542 -4.38 -22.04 -38.43
CA SER A 542 -2.97 -22.34 -38.17
C SER A 542 -2.20 -21.21 -37.49
N ILE A 543 -2.80 -20.04 -37.31
CA ILE A 543 -2.01 -18.91 -36.79
C ILE A 543 -1.65 -19.17 -35.33
N PRO A 544 -0.42 -18.83 -34.87
CA PRO A 544 -0.08 -19.00 -33.44
C PRO A 544 -1.07 -18.27 -32.53
N LYS A 545 -1.66 -19.01 -31.60
CA LYS A 545 -2.68 -18.51 -30.69
C LYS A 545 -2.43 -19.08 -29.29
N THR A 546 -2.98 -18.40 -28.27
CA THR A 546 -3.06 -18.94 -26.93
C THR A 546 -4.21 -19.95 -26.84
N SER A 547 -4.31 -20.61 -25.69
CA SER A 547 -5.39 -21.56 -25.48
C SER A 547 -6.76 -20.89 -25.56
N SER A 548 -6.86 -19.66 -25.04
CA SER A 548 -8.08 -18.86 -25.16
C SER A 548 -8.31 -18.34 -26.58
N GLY A 549 -7.38 -18.52 -27.50
CA GLY A 549 -7.58 -18.05 -28.86
C GLY A 549 -6.98 -16.69 -29.18
N LYS A 550 -6.30 -16.03 -28.24
CA LYS A 550 -5.64 -14.77 -28.57
C LYS A 550 -4.44 -15.00 -29.48
N ILE A 551 -4.29 -14.15 -30.50
CA ILE A 551 -3.17 -14.30 -31.41
C ILE A 551 -1.86 -13.98 -30.67
N ARG A 552 -0.81 -14.78 -30.96
CA ARG A 552 0.53 -14.58 -30.40
C ARG A 552 1.36 -13.90 -31.50
N ARG A 553 1.31 -12.56 -31.52
CA ARG A 553 1.99 -11.81 -32.60
C ARG A 553 3.48 -12.11 -32.64
N HIS A 554 4.14 -12.11 -31.47
CA HIS A 554 5.56 -12.44 -31.43
C HIS A 554 5.85 -13.82 -32.04
N ALA A 555 4.95 -14.79 -31.90
CA ALA A 555 5.18 -16.10 -32.50
C ALA A 555 4.88 -16.11 -33.99
N CYS A 556 3.97 -15.24 -34.43
CA CYS A 556 3.82 -15.03 -35.87
C CYS A 556 5.11 -14.51 -36.48
N LYS A 557 5.74 -13.52 -35.85
CA LYS A 557 7.02 -13.01 -36.34
C LYS A 557 8.09 -14.11 -36.33
N ALA A 558 8.13 -14.93 -35.26
CA ALA A 558 9.14 -15.99 -35.18
C ALA A 558 8.92 -17.05 -36.26
N GLY A 559 7.65 -17.40 -36.54
CA GLY A 559 7.39 -18.39 -37.58
C GLY A 559 7.66 -17.88 -38.99
N PHE A 560 7.38 -16.58 -39.24
CA PHE A 560 7.70 -15.98 -40.52
C PHE A 560 9.20 -16.00 -40.78
N LEU A 561 9.98 -15.72 -39.74
CA LEU A 561 11.43 -15.61 -39.92
C LEU A 561 12.11 -16.98 -40.00
N ASP A 562 11.45 -18.06 -39.57
CA ASP A 562 12.06 -19.37 -39.66
C ASP A 562 11.40 -20.29 -40.67
N GLY A 563 10.32 -19.87 -41.34
CA GLY A 563 9.69 -20.73 -42.32
C GLY A 563 8.83 -21.87 -41.76
N SER A 564 8.21 -21.70 -40.58
CA SER A 564 7.42 -22.76 -39.99
C SER A 564 5.92 -22.48 -40.00
N LEU A 565 5.48 -21.37 -40.60
CA LEU A 565 4.05 -21.16 -40.73
C LEU A 565 3.46 -22.10 -41.79
N ALA A 566 2.15 -22.33 -41.70
CA ALA A 566 1.45 -23.18 -42.66
C ALA A 566 1.06 -22.33 -43.87
N VAL A 567 2.05 -22.03 -44.73
CA VAL A 567 1.88 -21.06 -45.85
C VAL A 567 1.08 -21.61 -47.04
N VAL A 568 0.09 -20.84 -47.52
CA VAL A 568 -0.67 -21.20 -48.74
C VAL A 568 -0.22 -20.23 -49.85
N GLY A 569 0.36 -19.09 -49.47
CA GLY A 569 0.84 -18.11 -50.46
C GLY A 569 1.61 -16.97 -49.82
N GLU A 570 2.49 -16.32 -50.59
CA GLU A 570 3.32 -15.24 -50.02
C GLU A 570 3.52 -14.11 -51.02
N TRP A 571 3.54 -12.88 -50.54
CA TRP A 571 3.87 -11.75 -51.43
C TRP A 571 5.07 -11.03 -50.85
N GLN A 572 6.04 -10.74 -51.68
CA GLN A 572 7.23 -10.00 -51.29
C GLN A 572 7.86 -9.28 -52.49
N VAL B 4 7.31 21.49 -5.76
CA VAL B 4 7.97 20.53 -6.65
C VAL B 4 8.08 19.13 -6.00
N GLY B 5 6.92 18.49 -5.99
CA GLY B 5 6.73 17.14 -5.53
C GLY B 5 7.13 16.04 -6.49
N GLN B 6 8.05 16.30 -7.40
CA GLN B 6 8.50 15.24 -8.28
C GLN B 6 9.82 14.63 -7.81
N PHE B 7 10.34 15.05 -6.67
CA PHE B 7 11.57 14.46 -6.16
C PHE B 7 11.30 13.15 -5.45
N ALA B 8 12.14 12.16 -5.74
CA ALA B 8 11.98 10.83 -5.16
C ALA B 8 12.69 10.69 -3.82
N ASN B 9 13.57 11.61 -3.47
CA ASN B 9 14.36 11.50 -2.24
C ASN B 9 14.95 12.87 -1.91
N PHE B 10 15.45 12.99 -0.67
CA PHE B 10 15.94 14.28 -0.21
C PHE B 10 17.27 14.67 -0.83
N VAL B 11 18.08 13.72 -1.32
CA VAL B 11 19.32 14.11 -2.01
C VAL B 11 19.00 14.89 -3.28
N ASP B 12 18.13 14.36 -4.12
CA ASP B 12 17.70 15.12 -5.29
C ASP B 12 17.09 16.46 -4.91
N LEU B 13 16.29 16.48 -3.84
CA LEU B 13 15.60 17.71 -3.49
C LEU B 13 16.58 18.78 -2.97
N LEU B 14 17.52 18.41 -2.11
CA LEU B 14 18.48 19.41 -1.64
C LEU B 14 19.35 19.92 -2.77
N GLN B 15 19.75 19.02 -3.67
CA GLN B 15 20.56 19.47 -4.81
C GLN B 15 19.79 20.45 -5.67
N TYR B 16 18.48 20.24 -5.82
CA TYR B 16 17.68 21.20 -6.57
C TYR B 16 17.59 22.52 -5.85
N ARG B 17 17.38 22.49 -4.53
CA ARG B 17 17.33 23.75 -3.80
C ARG B 17 18.68 24.47 -3.84
N ALA B 18 19.79 23.72 -3.78
CA ALA B 18 21.11 24.35 -3.82
C ALA B 18 21.32 25.11 -5.13
N LYS B 19 20.67 24.70 -6.21
CA LYS B 19 20.76 25.45 -7.44
C LYS B 19 19.83 26.66 -7.46
N LEU B 20 18.59 26.50 -7.00
CA LEU B 20 17.56 27.52 -7.15
C LEU B 20 17.64 28.64 -6.12
N GLN B 21 18.04 28.32 -4.88
CA GLN B 21 18.09 29.19 -3.71
C GLN B 21 19.47 29.13 -3.07
N ALA B 22 20.53 29.08 -3.89
CA ALA B 22 21.90 28.87 -3.41
C ALA B 22 22.28 29.79 -2.24
N ARG B 23 21.96 31.08 -2.33
CA ARG B 23 22.40 32.03 -1.29
C ARG B 23 21.38 32.31 -0.17
N LYS B 24 20.21 31.69 -0.19
CA LYS B 24 19.28 31.85 0.92
C LYS B 24 19.76 31.03 2.12
N THR B 25 19.71 31.65 3.30
CA THR B 25 20.00 30.93 4.53
C THR B 25 18.98 29.80 4.73
N VAL B 26 19.44 28.60 5.04
CA VAL B 26 18.53 27.51 5.37
C VAL B 26 18.42 27.32 6.87
N PHE B 27 19.56 27.35 7.58
CA PHE B 27 19.59 27.20 9.03
C PHE B 27 20.44 28.29 9.66
N SER B 28 19.93 28.87 10.74
CA SER B 28 20.69 29.75 11.62
C SER B 28 20.67 29.15 13.01
N PHE B 29 21.85 29.03 13.61
CA PHE B 29 21.95 28.40 14.93
C PHE B 29 22.33 29.47 15.93
N LEU B 30 21.58 29.56 17.03
CA LEU B 30 21.84 30.43 18.18
C LEU B 30 22.34 29.52 19.30
N ALA B 31 23.65 29.48 19.50
CA ALA B 31 24.24 28.51 20.41
C ALA B 31 23.71 28.65 21.83
N ASP B 32 23.42 29.87 22.27
CA ASP B 32 22.88 30.12 23.60
C ASP B 32 21.38 30.39 23.58
N GLY B 33 20.69 30.17 22.46
CA GLY B 33 19.31 30.63 22.30
C GLY B 33 19.08 32.13 22.17
N GLU B 34 20.14 32.96 22.01
CA GLU B 34 19.98 34.42 21.93
C GLU B 34 20.72 35.00 20.73
N ALA B 35 22.05 35.00 20.79
CA ALA B 35 22.85 35.50 19.69
C ALA B 35 23.12 34.39 18.69
N GLU B 36 23.03 34.75 17.40
CA GLU B 36 23.34 33.79 16.35
C GLU B 36 24.83 33.47 16.35
N SER B 37 25.17 32.20 16.17
CA SER B 37 26.56 31.80 16.19
C SER B 37 27.02 31.02 14.97
N ALA B 38 26.11 30.52 14.12
CA ALA B 38 26.50 29.85 12.89
C ALA B 38 25.31 29.86 11.95
N ALA B 39 25.58 29.66 10.66
CA ALA B 39 24.52 29.65 9.67
C ALA B 39 25.03 28.99 8.41
N LEU B 40 24.09 28.45 7.64
CA LEU B 40 24.35 27.77 6.37
C LEU B 40 23.32 28.22 5.33
N THR B 41 23.80 28.53 4.12
CA THR B 41 22.88 28.65 3.00
C THR B 41 22.63 27.28 2.39
N TYR B 42 21.60 27.21 1.55
CA TYR B 42 21.31 25.97 0.81
C TYR B 42 22.51 25.55 -0.01
N GLY B 43 23.24 26.52 -0.56
CA GLY B 43 24.41 26.18 -1.33
C GLY B 43 25.51 25.57 -0.48
N GLU B 44 25.77 26.16 0.69
CA GLU B 44 26.81 25.61 1.54
C GLU B 44 26.40 24.27 2.11
N LEU B 45 25.11 24.09 2.43
CA LEU B 45 24.69 22.81 3.03
C LEU B 45 24.93 21.67 2.06
N ASP B 46 24.52 21.85 0.81
CA ASP B 46 24.77 20.85 -0.22
C ASP B 46 26.27 20.59 -0.40
N GLN B 47 27.08 21.66 -0.47
CA GLN B 47 28.52 21.44 -0.61
C GLN B 47 29.06 20.65 0.58
N LYS B 48 28.55 20.97 1.78
CA LYS B 48 28.99 20.29 2.99
C LYS B 48 28.54 18.84 2.99
N ALA B 49 27.31 18.58 2.51
CA ALA B 49 26.81 17.21 2.50
C ALA B 49 27.63 16.35 1.55
N GLN B 50 28.07 16.95 0.42
CA GLN B 50 28.83 16.19 -0.56
C GLN B 50 30.21 15.85 -0.03
N ALA B 51 30.84 16.82 0.65
CA ALA B 51 32.18 16.60 1.19
C ALA B 51 32.17 15.52 2.27
N ILE B 52 31.23 15.61 3.21
CA ILE B 52 31.11 14.56 4.22
C ILE B 52 30.74 13.23 3.55
N ALA B 53 29.85 13.29 2.55
CA ALA B 53 29.54 12.09 1.78
C ALA B 53 30.79 11.41 1.22
N ALA B 54 31.66 12.18 0.56
CA ALA B 54 32.85 11.60 -0.05
C ALA B 54 33.80 11.06 1.01
N PHE B 55 33.88 11.73 2.15
CA PHE B 55 34.69 11.22 3.24
C PHE B 55 34.10 9.92 3.79
N LEU B 56 32.78 9.85 3.95
CA LEU B 56 32.17 8.61 4.42
C LEU B 56 32.43 7.46 3.44
N GLN B 57 32.35 7.75 2.12
CA GLN B 57 32.49 6.70 1.12
C GLN B 57 33.91 6.15 1.07
N ALA B 58 34.92 7.04 1.11
CA ALA B 58 36.31 6.59 1.14
C ALA B 58 36.60 5.74 2.38
N ASN B 59 35.94 6.03 3.49
CA ASN B 59 36.12 5.26 4.74
C ASN B 59 35.26 3.98 4.80
N GLN B 60 34.70 3.56 3.67
CA GLN B 60 34.02 2.27 3.56
C GLN B 60 32.72 2.22 4.37
N ALA B 61 32.04 3.36 4.56
CA ALA B 61 30.81 3.38 5.36
C ALA B 61 29.54 3.10 4.57
N GLN B 62 29.60 3.19 3.24
CA GLN B 62 28.41 2.98 2.44
C GLN B 62 27.80 1.62 2.76
N GLY B 63 26.47 1.59 2.94
CA GLY B 63 25.79 0.35 3.23
C GLY B 63 25.86 -0.11 4.68
N GLN B 64 26.56 0.61 5.53
CA GLN B 64 26.75 0.32 6.93
C GLN B 64 25.93 1.28 7.77
N ARG B 65 25.82 0.95 9.05
CA ARG B 65 25.16 1.83 10.01
C ARG B 65 26.19 2.71 10.73
N ALA B 66 25.86 4.01 10.89
CA ALA B 66 26.75 4.95 11.55
C ALA B 66 25.98 5.78 12.56
N LEU B 67 26.38 5.68 13.81
CA LEU B 67 25.84 6.57 14.82
C LEU B 67 26.29 8.00 14.57
N LEU B 68 25.38 8.93 14.84
CA LEU B 68 25.74 10.36 14.79
C LEU B 68 25.79 10.85 16.24
N LEU B 69 26.97 11.24 16.68
CA LEU B 69 27.14 11.70 18.08
C LEU B 69 27.59 13.15 18.02
N TYR B 70 26.61 14.06 18.03
CA TYR B 70 26.93 15.48 17.88
C TYR B 70 26.10 16.35 18.83
N PRO B 71 26.63 17.47 19.37
CA PRO B 71 25.77 18.43 20.08
C PRO B 71 24.78 18.99 19.08
N PRO B 72 23.71 19.64 19.54
CA PRO B 72 22.82 20.32 18.59
C PRO B 72 23.59 21.42 17.89
N GLY B 73 23.38 21.54 16.59
CA GLY B 73 24.09 22.50 15.80
C GLY B 73 24.15 22.05 14.36
N LEU B 74 24.92 22.80 13.56
CA LEU B 74 25.00 22.57 12.13
C LEU B 74 25.89 21.38 11.75
N GLU B 75 26.85 20.99 12.58
CA GLU B 75 27.62 19.80 12.28
C GLU B 75 26.73 18.56 12.25
N PHE B 76 25.77 18.47 13.16
CA PHE B 76 24.86 17.33 13.12
C PHE B 76 24.12 17.27 11.79
N ILE B 77 23.57 18.41 11.35
CA ILE B 77 22.76 18.43 10.13
C ILE B 77 23.59 18.04 8.93
N GLY B 78 24.83 18.54 8.84
CA GLY B 78 25.69 18.15 7.75
C GLY B 78 26.02 16.67 7.73
N ALA B 79 26.38 16.11 8.90
CA ALA B 79 26.63 14.65 8.94
C ALA B 79 25.37 13.85 8.57
N PHE B 80 24.18 14.30 8.98
CA PHE B 80 22.97 13.52 8.66
C PHE B 80 22.69 13.49 7.14
N LEU B 81 22.69 14.66 6.49
CA LEU B 81 22.54 14.74 5.03
C LEU B 81 23.74 14.12 4.31
N GLY B 82 24.95 14.29 4.85
CA GLY B 82 26.08 13.56 4.33
C GLY B 82 25.85 12.06 4.29
N CYS B 83 25.26 11.48 5.35
CA CYS B 83 24.91 10.05 5.29
C CYS B 83 23.92 9.75 4.16
N LEU B 84 22.85 10.55 4.05
CA LEU B 84 21.92 10.34 2.95
C LEU B 84 22.60 10.39 1.59
N TYR B 85 23.43 11.43 1.36
CA TYR B 85 24.16 11.55 0.09
C TYR B 85 25.07 10.35 -0.15
N ALA B 86 25.69 9.84 0.91
CA ALA B 86 26.66 8.76 0.74
C ALA B 86 26.03 7.37 0.69
N GLY B 87 24.76 7.21 1.07
CA GLY B 87 24.22 5.86 1.22
C GLY B 87 24.66 5.19 2.51
N VAL B 88 24.85 5.97 3.56
CA VAL B 88 25.19 5.43 4.90
C VAL B 88 23.92 5.46 5.73
N VAL B 89 23.60 4.33 6.37
CA VAL B 89 22.37 4.28 7.17
C VAL B 89 22.68 5.01 8.47
N ALA B 90 22.22 6.25 8.58
CA ALA B 90 22.49 7.04 9.78
C ALA B 90 21.67 6.53 10.95
N VAL B 91 22.27 6.62 12.13
CA VAL B 91 21.57 6.31 13.36
C VAL B 91 21.79 7.51 14.28
N PRO B 92 20.88 8.50 14.24
CA PRO B 92 21.00 9.63 15.17
C PRO B 92 20.87 9.17 16.61
N ALA B 93 21.68 9.74 17.50
CA ALA B 93 21.54 9.40 18.92
C ALA B 93 22.01 10.55 19.79
N TYR B 94 21.51 10.60 21.01
CA TYR B 94 22.00 11.60 21.95
C TYR B 94 23.48 11.39 22.21
N PRO B 95 24.33 12.42 22.11
CA PRO B 95 25.76 12.23 22.37
C PRO B 95 26.00 11.81 23.81
N PRO B 96 27.12 11.16 24.10
CA PRO B 96 27.42 10.83 25.49
C PRO B 96 27.60 12.10 26.32
N ARG B 97 27.32 11.96 27.61
CA ARG B 97 27.42 13.13 28.49
C ARG B 97 28.57 12.94 29.46
N PRO B 98 29.29 14.01 29.82
CA PRO B 98 30.44 13.87 30.71
C PRO B 98 30.04 13.20 32.02
N ASN B 99 30.92 12.34 32.54
CA ASN B 99 30.68 11.67 33.82
C ASN B 99 29.43 10.79 33.76
N LYS B 100 29.10 10.28 32.58
CA LYS B 100 27.97 9.39 32.39
C LYS B 100 28.43 8.07 31.76
N SER B 101 27.72 7.00 32.09
CA SER B 101 27.99 5.69 31.50
C SER B 101 27.63 5.67 30.03
N PHE B 102 28.31 4.82 29.26
CA PHE B 102 28.00 4.66 27.85
C PHE B 102 26.98 3.56 27.59
N ASP B 103 26.22 3.16 28.62
CA ASP B 103 25.35 1.98 28.51
C ASP B 103 24.41 2.12 27.33
N ARG B 104 23.58 3.18 27.34
CA ARG B 104 22.59 3.40 26.29
C ARG B 104 23.24 3.41 24.91
N LEU B 105 24.40 4.03 24.79
CA LEU B 105 25.03 4.18 23.49
C LEU B 105 25.50 2.82 22.97
N HIS B 106 26.18 2.06 23.83
CA HIS B 106 26.63 0.72 23.47
C HIS B 106 25.48 -0.15 22.97
N SER B 107 24.32 -0.04 23.62
CA SER B 107 23.16 -0.86 23.29
C SER B 107 22.58 -0.52 21.92
N ILE B 108 22.56 0.76 21.56
CA ILE B 108 22.17 1.15 20.20
C ILE B 108 23.17 0.61 19.18
N ILE B 109 24.46 0.81 19.46
CA ILE B 109 25.51 0.25 18.60
C ILE B 109 25.34 -1.25 18.43
N GLN B 110 25.17 -1.95 19.56
CA GLN B 110 24.92 -3.39 19.52
C GLN B 110 23.69 -3.73 18.66
N ASP B 111 22.56 -3.04 18.91
CA ASP B 111 21.34 -3.39 18.18
C ASP B 111 21.46 -3.01 16.71
N ALA B 112 21.98 -1.81 16.41
CA ALA B 112 22.13 -1.43 15.01
C ALA B 112 23.23 -2.22 14.29
N GLN B 113 24.12 -2.90 15.03
CA GLN B 113 25.31 -3.53 14.43
C GLN B 113 26.09 -2.50 13.60
N ALA B 114 26.37 -1.38 14.23
CA ALA B 114 26.99 -0.25 13.57
C ALA B 114 28.50 -0.35 13.68
N LYS B 115 29.17 -0.08 12.58
CA LYS B 115 30.62 -0.12 12.55
C LYS B 115 31.25 1.26 12.63
N PHE B 116 30.45 2.32 12.64
CA PHE B 116 30.97 3.68 12.63
C PHE B 116 30.24 4.53 13.66
N ALA B 117 30.98 5.50 14.22
CA ALA B 117 30.43 6.62 14.98
C ALA B 117 30.98 7.89 14.36
N LEU B 118 30.07 8.79 13.97
CA LEU B 118 30.41 10.09 13.40
C LEU B 118 30.25 11.16 14.47
N THR B 119 31.24 12.03 14.61
CA THR B 119 31.25 12.94 15.73
C THR B 119 32.11 14.16 15.40
N THR B 120 32.32 15.02 16.38
CA THR B 120 33.15 16.19 16.24
C THR B 120 34.57 15.83 16.66
N THR B 121 35.51 16.69 16.27
CA THR B 121 36.89 16.50 16.71
C THR B 121 36.95 16.52 18.23
N GLU B 122 36.29 17.47 18.86
CA GLU B 122 36.37 17.58 20.31
C GLU B 122 35.80 16.33 20.98
N LEU B 123 34.68 15.80 20.51
CA LEU B 123 34.09 14.64 21.20
C LEU B 123 34.93 13.38 20.94
N LYS B 124 35.48 13.23 19.73
CA LYS B 124 36.23 11.99 19.38
C LYS B 124 37.47 11.85 20.27
N ASP B 125 38.21 12.92 20.47
CA ASP B 125 39.43 12.87 21.32
C ASP B 125 39.02 12.45 22.73
N LYS B 126 37.84 12.87 23.18
CA LYS B 126 37.34 12.52 24.53
C LYS B 126 36.77 11.09 24.61
N ILE B 127 36.29 10.49 23.51
CA ILE B 127 35.58 9.17 23.64
C ILE B 127 36.15 8.04 22.78
N ALA B 128 37.12 8.30 21.91
CA ALA B 128 37.52 7.24 20.99
C ALA B 128 38.13 6.04 21.71
N ASP B 129 38.92 6.26 22.76
CA ASP B 129 39.54 5.12 23.42
C ASP B 129 38.52 4.34 24.26
N ARG B 130 37.49 5.01 24.76
CA ARG B 130 36.45 4.28 25.49
C ARG B 130 35.59 3.47 24.54
N LEU B 131 35.27 4.02 23.36
CA LEU B 131 34.51 3.28 22.36
C LEU B 131 35.27 2.04 21.90
N GLU B 132 36.61 2.14 21.76
CA GLU B 132 37.42 0.97 21.45
C GLU B 132 37.34 -0.09 22.54
N ALA B 133 37.30 0.30 23.81
CA ALA B 133 37.14 -0.69 24.86
C ALA B 133 35.78 -1.39 24.75
N LEU B 134 34.69 -0.64 24.53
CA LEU B 134 33.39 -1.28 24.51
C LEU B 134 33.10 -2.00 23.21
N GLU B 135 33.61 -1.49 22.09
CA GLU B 135 33.20 -2.03 20.79
C GLU B 135 34.31 -2.74 20.04
N GLY B 136 35.53 -2.74 20.55
CA GLY B 136 36.61 -3.38 19.85
C GLY B 136 37.23 -2.50 18.78
N THR B 137 38.35 -3.01 18.22
CA THR B 137 39.19 -2.27 17.29
C THR B 137 38.56 -2.11 15.90
N ASP B 138 37.52 -2.88 15.58
CA ASP B 138 36.86 -2.80 14.28
C ASP B 138 35.82 -1.69 14.20
N PHE B 139 35.58 -0.98 15.29
CA PHE B 139 34.66 0.15 15.32
C PHE B 139 35.42 1.43 15.03
N HIS B 140 34.87 2.27 14.16
CA HIS B 140 35.61 3.42 13.66
C HIS B 140 34.93 4.71 14.10
N CYS B 141 35.63 5.49 14.91
CA CYS B 141 35.16 6.79 15.33
C CYS B 141 35.73 7.85 14.38
N LEU B 142 34.88 8.49 13.58
CA LEU B 142 35.30 9.44 12.55
C LEU B 142 34.80 10.82 12.91
N ALA B 143 35.65 11.83 12.73
CA ALA B 143 35.26 13.22 12.92
C ALA B 143 34.91 13.81 11.57
N THR B 144 33.78 14.49 11.47
CA THR B 144 33.34 15.06 10.21
C THR B 144 33.49 16.58 10.14
N ASP B 145 33.90 17.23 11.20
CA ASP B 145 33.80 18.69 11.20
C ASP B 145 35.03 19.38 10.64
N GLN B 146 36.07 18.63 10.29
CA GLN B 146 37.23 19.20 9.66
C GLN B 146 37.47 18.60 8.26
N VAL B 147 36.40 18.10 7.62
CA VAL B 147 36.52 17.62 6.24
C VAL B 147 36.63 18.81 5.29
N GLU B 148 37.67 18.82 4.46
CA GLU B 148 37.82 19.87 3.47
C GLU B 148 36.72 19.84 2.43
N LEU B 149 36.19 21.01 2.08
CA LEU B 149 35.03 21.04 1.19
C LEU B 149 35.38 20.56 -0.21
N ILE B 150 36.64 20.69 -0.63
CA ILE B 150 37.09 20.24 -1.94
C ILE B 150 36.92 18.73 -2.08
N SER B 151 36.85 18.00 -0.96
CA SER B 151 36.62 16.55 -0.97
C SER B 151 35.34 16.18 -1.67
N GLY B 152 34.35 17.07 -1.63
CA GLY B 152 33.10 16.83 -2.31
C GLY B 152 33.22 16.49 -3.78
N LYS B 153 34.28 16.98 -4.45
CA LYS B 153 34.53 16.63 -5.85
C LYS B 153 34.66 15.13 -6.06
N ASN B 154 34.96 14.37 -5.01
CA ASN B 154 35.14 12.93 -5.10
C ASN B 154 33.85 12.15 -4.82
N TRP B 155 32.75 12.84 -4.46
CA TRP B 155 31.51 12.15 -4.11
C TRP B 155 30.92 11.39 -5.30
N GLN B 156 30.62 10.10 -5.10
CA GLN B 156 29.97 9.24 -6.10
C GLN B 156 28.49 9.14 -5.75
N LYS B 157 27.64 9.86 -6.48
CA LYS B 157 26.21 9.88 -6.18
C LYS B 157 25.61 8.48 -6.36
N PRO B 158 25.04 7.88 -5.32
CA PRO B 158 24.45 6.54 -5.51
C PRO B 158 23.14 6.63 -6.29
N ASN B 159 22.74 5.47 -6.82
CA ASN B 159 21.39 5.28 -7.36
C ASN B 159 20.45 5.10 -6.17
N ILE B 160 19.67 6.12 -5.82
CA ILE B 160 18.76 6.07 -4.68
C ILE B 160 17.33 5.96 -5.21
N SER B 161 16.62 4.92 -4.80
CA SER B 161 15.19 4.84 -5.04
C SER B 161 14.46 4.94 -3.69
N GLY B 162 13.16 5.26 -3.80
CA GLY B 162 12.36 5.50 -2.60
C GLY B 162 12.38 4.35 -1.63
N THR B 163 12.42 3.12 -2.14
CA THR B 163 12.37 1.93 -1.28
C THR B 163 13.69 1.68 -0.53
N ASP B 164 14.74 2.41 -0.84
CA ASP B 164 16.02 2.23 -0.17
C ASP B 164 15.95 2.73 1.27
N LEU B 165 16.58 2.00 2.17
CA LEU B 165 16.62 2.38 3.58
C LEU B 165 17.41 3.69 3.75
N ALA B 166 16.85 4.65 4.48
CA ALA B 166 17.57 5.92 4.59
C ALA B 166 18.27 6.05 5.94
N PHE B 167 17.60 5.77 7.05
CA PHE B 167 18.24 5.82 8.37
C PHE B 167 17.40 5.02 9.36
N LEU B 168 17.98 4.77 10.55
CA LEU B 168 17.31 4.08 11.66
C LEU B 168 16.90 5.11 12.68
N GLN B 169 15.62 5.17 12.97
CA GLN B 169 15.08 6.13 13.92
C GLN B 169 14.73 5.33 15.16
N TYR B 170 15.59 5.39 16.18
CA TYR B 170 15.34 4.61 17.40
C TYR B 170 14.24 5.25 18.21
N THR B 171 13.32 4.40 18.74
CA THR B 171 12.28 4.86 19.62
C THR B 171 12.92 5.29 20.94
N SER B 172 12.14 6.00 21.75
CA SER B 172 12.71 6.66 22.92
C SER B 172 13.11 5.70 24.03
N GLY B 173 12.45 4.55 24.12
CA GLY B 173 12.61 3.66 25.23
C GLY B 173 11.55 3.81 26.29
N SER B 174 10.40 4.42 25.95
CA SER B 174 9.38 4.67 26.97
C SER B 174 8.88 3.38 27.60
N THR B 175 8.63 2.35 26.77
CA THR B 175 8.01 1.12 27.23
C THR B 175 8.96 -0.07 27.21
N GLY B 176 10.19 0.10 26.74
CA GLY B 176 11.14 -1.00 26.66
C GLY B 176 12.41 -0.54 25.99
N ASP B 177 13.25 -1.50 25.61
CA ASP B 177 14.48 -1.10 24.94
C ASP B 177 14.14 -0.32 23.67
N PRO B 178 14.89 0.72 23.32
CA PRO B 178 14.65 1.40 22.05
C PRO B 178 14.71 0.41 20.88
N LYS B 179 13.74 0.52 19.99
CA LYS B 179 13.72 -0.26 18.74
C LYS B 179 14.07 0.65 17.57
N GLY B 180 14.80 0.10 16.61
CA GLY B 180 15.28 0.88 15.49
C GLY B 180 14.30 0.86 14.34
N VAL B 181 13.65 1.98 14.06
CA VAL B 181 12.67 2.03 12.97
C VAL B 181 13.39 2.21 11.64
N MET B 182 13.08 1.33 10.68
CA MET B 182 13.68 1.43 9.35
C MET B 182 12.89 2.43 8.48
N VAL B 183 13.47 3.62 8.28
CA VAL B 183 12.80 4.73 7.58
C VAL B 183 13.36 4.82 6.16
N SER B 184 12.51 4.68 5.18
CA SER B 184 12.99 4.65 3.82
C SER B 184 13.05 6.08 3.26
N HIS B 185 13.72 6.21 2.13
CA HIS B 185 13.76 7.53 1.49
C HIS B 185 12.35 8.00 1.14
N HIS B 186 11.50 7.08 0.67
CA HIS B 186 10.10 7.38 0.35
C HIS B 186 9.31 7.74 1.60
N ASN B 187 9.51 7.01 2.70
CA ASN B 187 8.87 7.41 3.96
C ASN B 187 9.12 8.89 4.23
N LEU B 188 10.37 9.33 4.04
CA LEU B 188 10.76 10.71 4.32
C LEU B 188 10.06 11.68 3.39
N ILE B 189 10.09 11.39 2.09
CA ILE B 189 9.44 12.28 1.14
C ILE B 189 7.94 12.28 1.37
N HIS B 190 7.38 11.09 1.60
CA HIS B 190 5.93 11.01 1.73
C HIS B 190 5.45 11.77 2.97
N ASN B 191 6.10 11.56 4.11
CA ASN B 191 5.66 12.27 5.31
C ASN B 191 5.86 13.78 5.20
N SER B 192 6.98 14.21 4.59
CA SER B 192 7.20 15.64 4.46
C SER B 192 6.07 16.30 3.70
N GLY B 193 5.58 15.62 2.66
CA GLY B 193 4.41 16.10 1.96
C GLY B 193 3.19 16.15 2.86
N LEU B 194 3.04 15.14 3.75
CA LEU B 194 1.91 15.15 4.68
C LEU B 194 2.00 16.34 5.63
N ILE B 195 3.17 16.60 6.18
CA ILE B 195 3.37 17.77 7.09
C ILE B 195 2.99 19.07 6.35
N ASN B 196 3.42 19.21 5.11
CA ASN B 196 3.13 20.41 4.29
C ASN B 196 1.62 20.53 4.02
N GLN B 197 0.95 19.41 3.75
CA GLN B 197 -0.51 19.42 3.56
C GLN B 197 -1.17 20.01 4.80
N GLY B 198 -0.65 19.70 5.99
CA GLY B 198 -1.32 20.16 7.18
C GLY B 198 -0.84 21.53 7.63
N PHE B 199 0.46 21.71 7.56
CA PHE B 199 1.08 22.95 8.03
C PHE B 199 0.94 24.07 7.01
N GLN B 200 0.99 23.75 5.72
CA GLN B 200 0.83 24.69 4.61
C GLN B 200 1.88 25.83 4.63
N ASP B 201 3.12 25.50 4.92
CA ASP B 201 4.14 26.52 4.83
C ASP B 201 4.68 26.62 3.42
N THR B 202 5.21 27.81 3.13
CA THR B 202 5.76 28.08 1.79
C THR B 202 7.23 28.47 1.94
N GLU B 203 7.86 28.89 0.86
CA GLU B 203 9.28 29.32 0.89
C GLU B 203 9.39 30.53 1.82
N ALA B 204 8.35 31.35 1.88
CA ALA B 204 8.37 32.57 2.73
C ALA B 204 8.26 32.26 4.22
N SER B 205 7.98 31.01 4.60
CA SER B 205 7.80 30.72 6.02
C SER B 205 9.13 30.88 6.77
N MET B 206 9.01 31.23 8.05
CA MET B 206 10.16 31.27 8.95
C MET B 206 9.80 30.43 10.17
N GLY B 207 10.72 29.57 10.59
CA GLY B 207 10.49 28.73 11.73
C GLY B 207 11.54 28.93 12.80
N VAL B 208 11.23 28.50 14.03
CA VAL B 208 12.23 28.36 15.06
C VAL B 208 12.02 26.99 15.71
N SER B 209 13.11 26.33 16.08
CA SER B 209 12.96 25.05 16.78
C SER B 209 14.07 24.95 17.82
N TRP B 210 13.70 24.53 19.02
CA TRP B 210 14.63 24.14 20.08
C TRP B 210 14.63 22.63 20.32
N LEU B 211 13.79 21.89 19.60
CA LEU B 211 13.67 20.46 19.89
C LEU B 211 15.00 19.76 19.59
N PRO B 212 15.33 18.68 20.31
CA PRO B 212 16.58 17.95 20.04
C PRO B 212 16.53 17.35 18.65
N PRO B 213 17.62 17.41 17.90
CA PRO B 213 17.58 17.01 16.50
C PRO B 213 17.68 15.51 16.29
N TYR B 214 17.87 14.74 17.35
CA TYR B 214 18.12 13.28 17.23
C TYR B 214 16.85 12.44 17.09
N HIS B 215 15.68 13.02 17.26
CA HIS B 215 14.42 12.23 17.23
C HIS B 215 13.43 12.83 16.25
N ASP B 216 12.40 12.06 15.86
CA ASP B 216 11.42 12.46 14.82
C ASP B 216 11.00 13.92 14.81
N MET B 217 10.49 14.46 15.91
CA MET B 217 9.92 15.82 15.82
C MET B 217 11.04 16.78 15.41
N GLY B 218 12.19 16.67 16.03
CA GLY B 218 13.27 17.60 15.74
C GLY B 218 14.02 17.32 14.46
N LEU B 219 14.00 16.07 14.01
CA LEU B 219 14.73 15.69 12.80
C LEU B 219 13.85 15.91 11.56
N ILE B 220 12.76 15.13 11.47
CA ILE B 220 11.88 15.23 10.31
C ILE B 220 11.14 16.56 10.29
N GLY B 221 10.73 17.07 11.47
CA GLY B 221 10.07 18.35 11.52
C GLY B 221 10.99 19.56 11.53
N GLY B 222 11.99 19.56 12.43
CA GLY B 222 12.82 20.74 12.58
C GLY B 222 13.90 20.90 11.52
N ILE B 223 14.43 19.78 10.99
CA ILE B 223 15.51 19.80 10.01
C ILE B 223 14.98 19.62 8.58
N LEU B 224 14.26 18.53 8.31
CA LEU B 224 13.87 18.18 6.91
C LEU B 224 12.71 19.03 6.36
N GLN B 225 11.72 19.38 7.18
CA GLN B 225 10.56 20.13 6.62
C GLN B 225 11.01 21.50 6.06
N PRO B 226 11.85 22.30 6.75
CA PRO B 226 12.33 23.56 6.18
C PRO B 226 12.99 23.34 4.81
N ILE B 227 13.81 22.30 4.71
CA ILE B 227 14.43 21.98 3.43
C ILE B 227 13.38 21.60 2.42
N TYR B 228 12.37 20.83 2.86
CA TYR B 228 11.34 20.35 1.95
C TYR B 228 10.62 21.53 1.31
N VAL B 229 10.28 22.55 2.09
CA VAL B 229 9.48 23.66 1.56
C VAL B 229 10.35 24.81 1.10
N GLY B 230 11.67 24.75 1.29
CA GLY B 230 12.52 25.80 0.76
C GLY B 230 12.58 27.03 1.64
N ALA B 231 12.35 26.86 2.94
CA ALA B 231 12.21 27.92 3.93
C ALA B 231 13.52 28.12 4.68
N THR B 232 13.45 28.97 5.71
CA THR B 232 14.60 29.24 6.59
C THR B 232 14.22 28.87 8.02
N GLN B 233 15.09 28.17 8.72
CA GLN B 233 14.77 27.68 10.08
C GLN B 233 15.79 28.19 11.10
N ILE B 234 15.32 28.74 12.21
CA ILE B 234 16.24 29.14 13.31
C ILE B 234 16.28 27.98 14.31
N LEU B 235 17.45 27.64 14.81
CA LEU B 235 17.65 26.53 15.74
C LEU B 235 18.42 26.97 16.97
N MET B 236 18.08 26.37 18.10
CA MET B 236 18.79 26.50 19.37
C MET B 236 18.75 25.16 20.09
N PRO B 237 19.74 24.85 20.94
CA PRO B 237 19.72 23.56 21.65
C PRO B 237 18.58 23.50 22.64
N PRO B 238 18.14 22.29 23.02
CA PRO B 238 17.04 22.21 24.00
C PRO B 238 17.39 22.80 25.34
N VAL B 239 18.66 22.74 25.77
CA VAL B 239 19.01 23.25 27.10
C VAL B 239 18.87 24.77 27.15
N ALA B 240 19.05 25.46 26.02
CA ALA B 240 18.89 26.91 26.03
C ALA B 240 17.45 27.30 26.36
N PHE B 241 16.47 26.57 25.83
CA PHE B 241 15.07 26.84 26.14
C PHE B 241 14.67 26.37 27.55
N LEU B 242 15.12 25.19 27.96
CA LEU B 242 14.64 24.70 29.26
C LEU B 242 15.21 25.53 30.40
N GLN B 243 16.40 26.11 30.21
CA GLN B 243 16.96 26.96 31.24
C GLN B 243 16.37 28.37 31.23
N ARG B 244 15.76 28.79 30.12
CA ARG B 244 15.13 30.10 30.07
C ARG B 244 14.05 30.07 28.99
N PRO B 245 12.81 29.67 29.34
CA PRO B 245 11.79 29.43 28.30
C PRO B 245 11.49 30.67 27.47
N PHE B 246 11.67 31.85 28.04
CA PHE B 246 11.48 33.10 27.31
C PHE B 246 12.24 33.14 26.00
N ARG B 247 13.36 32.40 25.87
CA ARG B 247 14.16 32.54 24.65
C ARG B 247 13.41 32.04 23.41
N TRP B 248 12.56 31.01 23.57
CA TRP B 248 11.80 30.45 22.45
C TRP B 248 10.81 31.47 21.90
N LEU B 249 10.02 32.08 22.79
CA LEU B 249 9.03 33.07 22.40
C LEU B 249 9.67 34.37 21.94
N LYS B 250 10.83 34.72 22.51
CA LYS B 250 11.55 35.91 22.02
C LYS B 250 12.06 35.71 20.60
N ALA B 251 12.53 34.50 20.27
CA ALA B 251 12.95 34.16 18.92
C ALA B 251 11.80 34.25 17.92
N ILE B 252 10.63 33.72 18.31
CA ILE B 252 9.43 33.86 17.49
C ILE B 252 9.16 35.34 17.20
N ASN B 253 9.29 36.19 18.23
CA ASN B 253 9.03 37.61 18.04
C ASN B 253 10.10 38.25 17.14
N ASP B 254 11.38 37.91 17.38
CA ASP B 254 12.47 38.60 16.70
C ASP B 254 12.49 38.32 15.21
N TYR B 255 12.20 37.08 14.82
CA TYR B 255 12.28 36.66 13.42
C TYR B 255 10.92 36.61 12.75
N ARG B 256 9.87 37.05 13.43
CA ARG B 256 8.50 36.96 12.90
C ARG B 256 8.23 35.52 12.46
N VAL B 257 8.43 34.58 13.39
CA VAL B 257 8.25 33.19 13.08
C VAL B 257 6.77 32.91 12.88
N SER B 258 6.43 32.13 11.85
CA SER B 258 5.05 31.71 11.58
C SER B 258 4.71 30.34 12.14
N THR B 259 5.70 29.47 12.27
CA THR B 259 5.51 28.05 12.51
C THR B 259 6.52 27.58 13.53
N SER B 260 6.04 27.10 14.68
CA SER B 260 6.90 26.57 15.72
C SER B 260 6.03 25.67 16.61
N GLY B 261 6.68 24.82 17.39
CA GLY B 261 5.89 23.92 18.24
C GLY B 261 6.76 23.13 19.19
N ALA B 262 6.12 22.31 19.98
CA ALA B 262 6.79 21.63 21.06
C ALA B 262 5.81 20.66 21.69
N PRO B 263 6.26 19.71 22.52
CA PRO B 263 5.31 18.90 23.30
C PRO B 263 4.57 19.75 24.34
N ASN B 264 3.51 19.15 24.89
CA ASN B 264 2.60 19.87 25.78
C ASN B 264 3.31 20.57 26.94
N PHE B 265 4.24 19.87 27.63
CA PHE B 265 4.85 20.43 28.84
C PHE B 265 5.56 21.76 28.54
N ALA B 266 5.99 21.96 27.30
CA ALA B 266 6.73 23.17 26.98
C ALA B 266 5.83 24.40 27.04
N TYR B 267 4.54 24.26 26.67
CA TYR B 267 3.62 25.39 26.81
C TYR B 267 3.34 25.70 28.27
N ASP B 268 3.28 24.67 29.11
CA ASP B 268 3.12 24.89 30.54
C ASP B 268 4.34 25.62 31.09
N LEU B 269 5.52 25.20 30.64
CA LEU B 269 6.77 25.84 31.06
C LEU B 269 6.77 27.34 30.73
N CYS B 270 6.35 27.71 29.50
CA CYS B 270 6.29 29.14 29.17
C CYS B 270 5.27 29.86 30.05
N ALA B 271 4.12 29.25 30.26
CA ALA B 271 3.06 29.92 31.00
C ALA B 271 3.48 30.20 32.44
N SER B 272 4.32 29.36 33.04
CA SER B 272 4.71 29.57 34.42
C SER B 272 5.99 30.38 34.61
N GLN B 273 6.97 30.25 33.71
CA GLN B 273 8.32 30.79 33.90
C GLN B 273 8.59 32.10 33.17
N ILE B 274 7.66 32.62 32.38
CA ILE B 274 7.93 33.86 31.64
C ILE B 274 7.19 35.01 32.33
N THR B 275 7.95 36.01 32.80
CA THR B 275 7.41 37.07 33.64
C THR B 275 6.55 38.06 32.84
N PRO B 276 5.64 38.77 33.51
CA PRO B 276 4.84 39.78 32.80
C PRO B 276 5.68 40.84 32.13
N GLU B 277 6.79 41.21 32.73
CA GLU B 277 7.66 42.18 32.06
C GLU B 277 8.23 41.58 30.77
N GLN B 278 8.63 40.31 30.81
CA GLN B 278 9.09 39.64 29.60
C GLN B 278 7.97 39.53 28.57
N ILE B 279 6.75 39.24 29.03
CA ILE B 279 5.60 39.12 28.12
C ILE B 279 5.29 40.46 27.47
N ARG B 280 5.55 41.54 28.19
CA ARG B 280 5.45 42.87 27.63
C ARG B 280 6.39 43.12 26.44
N GLU B 281 7.42 42.29 26.24
CA GLU B 281 8.36 42.48 25.14
C GLU B 281 8.04 41.66 23.88
N LEU B 282 6.92 40.95 23.85
CA LEU B 282 6.61 40.03 22.76
C LEU B 282 5.41 40.49 21.94
N ASP B 283 5.49 40.28 20.64
CA ASP B 283 4.36 40.39 19.72
C ASP B 283 4.28 39.08 18.92
N LEU B 284 3.36 38.20 19.31
CA LEU B 284 3.22 36.87 18.76
C LEU B 284 2.07 36.75 17.75
N SER B 285 1.58 37.89 17.22
CA SER B 285 0.52 37.89 16.22
C SER B 285 0.95 37.20 14.94
N CYS B 286 2.26 37.05 14.71
CA CYS B 286 2.80 36.38 13.53
C CYS B 286 2.77 34.86 13.66
N TRP B 287 2.71 34.35 14.89
CA TRP B 287 2.71 32.92 15.15
C TRP B 287 1.38 32.29 14.74
N ARG B 288 1.29 31.78 13.50
CA ARG B 288 0.02 31.28 12.97
C ARG B 288 -0.18 29.79 13.24
N LEU B 289 0.90 29.03 13.36
CA LEU B 289 0.79 27.59 13.55
C LEU B 289 1.65 27.23 14.74
N ALA B 290 1.00 26.85 15.83
CA ALA B 290 1.70 26.44 17.07
C ALA B 290 1.42 24.95 17.31
N PHE B 291 2.35 24.09 16.90
CA PHE B 291 2.06 22.63 16.98
C PHE B 291 2.31 22.04 18.36
N SER B 292 1.51 21.03 18.72
CA SER B 292 1.70 20.28 19.99
C SER B 292 1.47 18.80 19.73
N GLY B 293 2.41 17.97 20.15
CA GLY B 293 2.31 16.52 19.98
C GLY B 293 3.43 15.86 20.73
N ALA B 294 3.58 14.54 20.61
CA ALA B 294 4.64 13.75 21.29
C ALA B 294 4.17 13.37 22.71
N GLU B 295 3.06 13.92 23.14
CA GLU B 295 2.55 13.65 24.50
C GLU B 295 1.06 14.03 24.59
N PRO B 296 0.29 13.55 25.61
CA PRO B 296 -1.08 13.99 25.77
C PRO B 296 -1.24 15.51 25.73
N ILE B 297 -2.18 16.00 24.94
CA ILE B 297 -2.48 17.42 24.82
C ILE B 297 -3.56 17.73 25.86
N ARG B 298 -3.24 18.57 26.89
CA ARG B 298 -4.21 18.86 27.94
C ARG B 298 -4.99 20.15 27.65
N ALA B 299 -6.31 20.09 27.84
CA ALA B 299 -7.12 21.28 27.60
C ALA B 299 -6.70 22.41 28.54
N VAL B 300 -6.32 22.07 29.78
CA VAL B 300 -5.97 23.14 30.71
C VAL B 300 -4.65 23.80 30.30
N THR B 301 -3.76 23.06 29.66
CA THR B 301 -2.50 23.65 29.16
C THR B 301 -2.77 24.67 28.07
N LEU B 302 -3.56 24.30 27.05
CA LEU B 302 -3.89 25.22 25.97
C LEU B 302 -4.53 26.49 26.52
N GLU B 303 -5.50 26.37 27.43
CA GLU B 303 -6.19 27.55 28.00
C GLU B 303 -5.21 28.41 28.79
N ASN B 304 -4.39 27.79 29.62
CA ASN B 304 -3.45 28.56 30.47
C ASN B 304 -2.49 29.34 29.57
N PHE B 305 -2.00 28.70 28.52
CA PHE B 305 -1.07 29.38 27.59
C PHE B 305 -1.81 30.51 26.89
N ALA B 306 -2.92 30.17 26.23
CA ALA B 306 -3.66 31.18 25.48
C ALA B 306 -4.00 32.38 26.34
N LYS B 307 -4.39 32.14 27.59
CA LYS B 307 -4.78 33.26 28.44
C LYS B 307 -3.54 34.06 28.86
N THR B 308 -2.40 33.39 29.10
CA THR B 308 -1.20 34.11 29.56
C THR B 308 -0.64 35.01 28.46
N PHE B 309 -0.70 34.58 27.20
CA PHE B 309 -0.04 35.30 26.13
C PHE B 309 -1.02 35.99 25.16
N ALA B 310 -2.28 36.16 25.59
CA ALA B 310 -3.25 36.87 24.77
C ALA B 310 -2.89 38.35 24.62
N THR B 311 -2.41 38.98 25.69
CA THR B 311 -2.02 40.39 25.61
C THR B 311 -0.78 40.60 24.74
N ALA B 312 0.02 39.55 24.52
CA ALA B 312 1.12 39.54 23.57
C ALA B 312 0.69 39.16 22.16
N GLY B 313 -0.61 39.02 21.91
CA GLY B 313 -1.10 38.81 20.57
C GLY B 313 -1.16 37.38 20.09
N PHE B 314 -0.96 36.40 20.98
CA PHE B 314 -1.14 34.99 20.60
C PHE B 314 -2.64 34.65 20.53
N GLN B 315 -3.05 33.98 19.46
CA GLN B 315 -4.43 33.52 19.34
C GLN B 315 -4.50 32.03 19.58
N LYS B 316 -5.48 31.59 20.39
CA LYS B 316 -5.63 30.17 20.64
C LYS B 316 -5.93 29.40 19.36
N SER B 317 -6.44 30.07 18.32
CA SER B 317 -6.70 29.39 17.03
C SER B 317 -5.44 28.97 16.29
N ALA B 318 -4.26 29.46 16.68
CA ALA B 318 -3.00 28.99 16.08
C ALA B 318 -2.65 27.57 16.56
N PHE B 319 -3.11 27.17 17.75
CA PHE B 319 -2.81 25.84 18.27
C PHE B 319 -3.17 24.77 17.26
N TYR B 320 -2.22 23.86 17.04
CA TYR B 320 -2.28 22.87 15.97
C TYR B 320 -1.94 21.52 16.61
N PRO B 321 -2.93 20.84 17.20
CA PRO B 321 -2.68 19.51 17.79
C PRO B 321 -2.34 18.52 16.70
N CYS B 322 -1.41 17.60 17.01
CA CYS B 322 -1.05 16.58 16.05
C CYS B 322 -0.59 15.32 16.77
N TYR B 323 -0.60 14.24 16.02
CA TYR B 323 -0.22 12.94 16.54
C TYR B 323 0.62 12.23 15.50
N GLY B 324 1.68 11.58 15.96
CA GLY B 324 2.51 10.71 15.13
C GLY B 324 3.48 9.96 16.00
N MET B 325 4.30 9.13 15.36
CA MET B 325 5.30 8.30 16.04
C MET B 325 6.42 7.95 15.07
N ALA B 326 7.53 7.37 15.61
CA ALA B 326 8.67 7.02 14.74
C ALA B 326 8.27 6.00 13.67
N GLU B 327 7.41 5.04 14.04
CA GLU B 327 6.92 3.99 13.13
C GLU B 327 6.08 4.53 11.98
N THR B 328 5.53 5.72 12.11
CA THR B 328 4.82 6.31 10.98
C THR B 328 5.66 7.47 10.40
N THR B 329 6.99 7.38 10.53
CA THR B 329 7.99 8.41 10.15
C THR B 329 7.84 9.65 11.05
N LEU B 330 6.76 10.39 10.89
CA LEU B 330 6.36 11.41 11.86
C LEU B 330 4.84 11.52 11.89
N ILE B 331 4.24 12.49 11.19
CA ILE B 331 2.85 12.89 11.43
C ILE B 331 1.84 11.88 10.90
N VAL B 332 0.74 11.68 11.66
CA VAL B 332 -0.45 10.96 11.20
C VAL B 332 -1.65 11.87 11.06
N SER B 333 -1.91 12.69 12.08
CA SER B 333 -3.09 13.53 12.08
C SER B 333 -2.72 14.91 12.58
N GLY B 334 -3.52 15.89 12.21
CA GLY B 334 -3.29 17.22 12.73
C GLY B 334 -4.40 18.18 12.40
N GLY B 335 -4.42 19.26 13.18
CA GLY B 335 -5.32 20.37 12.97
C GLY B 335 -6.61 20.24 13.77
N ASN B 336 -7.48 21.24 13.59
CA ASN B 336 -8.78 21.27 14.27
C ASN B 336 -9.89 21.16 13.22
N GLY B 337 -9.56 20.68 12.03
CA GLY B 337 -10.55 20.58 10.94
C GLY B 337 -11.17 21.91 10.55
N ARG B 338 -12.50 21.96 10.50
CA ARG B 338 -13.22 23.19 10.06
C ARG B 338 -13.33 24.16 11.24
N ALA B 339 -13.05 23.69 12.46
CA ALA B 339 -13.05 24.58 13.63
C ALA B 339 -11.79 25.43 13.62
N GLN B 340 -11.82 26.56 14.33
CA GLN B 340 -10.62 27.42 14.47
C GLN B 340 -9.81 26.96 15.68
N LEU B 341 -10.49 26.60 16.77
CA LEU B 341 -9.82 26.20 18.01
C LEU B 341 -9.69 24.67 18.10
N PRO B 342 -8.68 24.12 18.79
CA PRO B 342 -8.64 22.66 18.95
C PRO B 342 -9.95 22.12 19.51
N GLN B 343 -10.47 21.10 18.84
CA GLN B 343 -11.71 20.47 19.29
C GLN B 343 -11.52 19.70 20.60
N GLU B 344 -12.48 19.84 21.49
CA GLU B 344 -12.49 19.17 22.78
C GLU B 344 -13.87 18.55 23.01
N ILE B 345 -13.89 17.43 23.72
CA ILE B 345 -15.19 16.80 24.06
C ILE B 345 -15.19 16.58 25.57
N ILE B 346 -16.36 16.69 26.19
CA ILE B 346 -16.47 16.41 27.65
C ILE B 346 -17.17 15.07 27.73
N VAL B 347 -16.49 14.08 28.29
CA VAL B 347 -17.05 12.71 28.27
C VAL B 347 -17.01 12.11 29.66
N SER B 348 -17.75 11.02 29.83
CA SER B 348 -17.81 10.33 31.11
C SER B 348 -16.50 9.63 31.44
N LYS B 349 -15.91 9.95 32.58
CA LYS B 349 -14.62 9.32 33.03
C LYS B 349 -14.77 7.80 33.18
N GLN B 350 -15.88 7.34 33.75
CA GLN B 350 -16.14 5.89 33.97
C GLN B 350 -16.25 5.17 32.62
N GLY B 351 -16.92 5.81 31.66
CA GLY B 351 -17.04 5.20 30.32
C GLY B 351 -15.67 4.96 29.73
N ILE B 352 -14.80 5.96 29.84
CA ILE B 352 -13.44 5.85 29.31
C ILE B 352 -12.76 4.62 29.89
N GLU B 353 -12.90 4.40 31.20
CA GLU B 353 -12.37 3.20 31.84
C GLU B 353 -13.01 1.91 31.32
N ALA B 354 -14.21 2.00 30.75
CA ALA B 354 -14.85 0.84 30.15
C ALA B 354 -14.77 0.86 28.63
N ASN B 355 -13.84 1.63 28.05
CA ASN B 355 -13.61 1.73 26.60
C ASN B 355 -14.82 2.26 25.85
N GLN B 356 -15.51 3.21 26.46
CA GLN B 356 -16.70 3.81 25.84
C GLN B 356 -16.60 5.33 25.87
N VAL B 357 -16.96 5.94 24.77
CA VAL B 357 -16.99 7.40 24.67
C VAL B 357 -18.46 7.81 24.71
N ARG B 358 -18.87 8.46 25.80
CA ARG B 358 -20.27 8.84 25.99
C ARG B 358 -20.36 9.96 27.01
N PRO B 359 -21.43 10.78 26.97
CA PRO B 359 -21.62 11.78 28.03
C PRO B 359 -21.86 11.14 29.39
N ALA B 360 -21.55 11.91 30.44
CA ALA B 360 -21.85 11.54 31.82
C ALA B 360 -23.35 11.63 32.10
N GLN B 361 -23.86 10.60 32.77
CA GLN B 361 -25.30 10.54 33.14
C GLN B 361 -25.40 10.21 34.63
N GLU B 364 -22.30 11.10 37.47
CA GLU B 364 -20.91 10.66 37.32
C GLU B 364 -20.04 11.84 36.83
N THR B 365 -18.72 11.67 36.89
CA THR B 365 -17.78 12.75 36.59
C THR B 365 -17.31 12.73 35.14
N THR B 366 -16.79 13.86 34.71
CA THR B 366 -16.43 14.08 33.33
C THR B 366 -14.92 14.27 33.20
N VAL B 367 -14.39 13.87 32.04
CA VAL B 367 -13.01 14.15 31.62
C VAL B 367 -13.08 14.93 30.31
N THR B 368 -12.12 15.84 30.12
CA THR B 368 -11.99 16.61 28.88
C THR B 368 -10.84 16.08 28.05
N LEU B 369 -11.11 15.77 26.80
CA LEU B 369 -10.12 15.23 25.88
C LEU B 369 -9.97 16.15 24.69
N VAL B 370 -8.74 16.35 24.29
CA VAL B 370 -8.42 17.22 23.16
C VAL B 370 -8.13 16.33 21.96
N GLY B 371 -8.77 16.63 20.85
CA GLY B 371 -8.50 15.87 19.63
C GLY B 371 -7.10 16.16 19.14
N SER B 372 -6.51 15.16 18.47
CA SER B 372 -5.17 15.26 17.92
C SER B 372 -5.14 15.51 16.43
N GLY B 373 -6.24 16.00 15.86
CA GLY B 373 -6.28 16.33 14.45
C GLY B 373 -7.07 15.31 13.65
N GLU B 374 -7.24 15.63 12.37
CA GLU B 374 -7.82 14.70 11.41
C GLU B 374 -6.70 14.03 10.63
N VAL B 375 -6.97 12.77 10.21
CA VAL B 375 -5.98 12.02 9.43
C VAL B 375 -5.63 12.79 8.16
N ILE B 376 -4.35 12.94 7.88
CA ILE B 376 -3.88 13.82 6.80
C ILE B 376 -3.68 13.00 5.54
N GLY B 377 -4.23 13.48 4.45
CA GLY B 377 -3.83 12.94 3.16
C GLY B 377 -4.43 11.57 2.91
N ASP B 378 -3.67 10.72 2.21
CA ASP B 378 -4.19 9.42 1.73
C ASP B 378 -3.90 8.23 2.65
N GLN B 379 -3.70 8.47 3.94
CA GLN B 379 -3.45 7.35 4.87
C GLN B 379 -4.76 6.96 5.57
N ILE B 380 -4.85 5.72 6.04
CA ILE B 380 -6.09 5.19 6.67
C ILE B 380 -5.85 4.86 8.14
N VAL B 381 -6.73 5.31 9.02
CA VAL B 381 -6.65 5.03 10.45
C VAL B 381 -7.92 4.31 10.86
N LYS B 382 -7.75 3.21 11.59
CA LYS B 382 -8.85 2.42 12.13
C LYS B 382 -8.63 2.16 13.62
N ILE B 383 -9.73 2.01 14.33
CA ILE B 383 -9.73 1.72 15.76
C ILE B 383 -10.08 0.25 15.89
N VAL B 384 -9.14 -0.54 16.38
CA VAL B 384 -9.35 -2.01 16.38
C VAL B 384 -9.20 -2.57 17.78
N ASP B 385 -10.10 -3.50 18.13
CA ASP B 385 -9.98 -4.17 19.44
C ASP B 385 -8.61 -4.87 19.48
N PRO B 386 -7.78 -4.61 20.51
CA PRO B 386 -6.42 -5.15 20.53
C PRO B 386 -6.34 -6.65 20.82
N GLN B 387 -7.45 -7.24 21.25
CA GLN B 387 -7.48 -8.66 21.61
C GLN B 387 -8.16 -9.49 20.52
N ALA B 388 -9.41 -9.16 20.17
CA ALA B 388 -10.20 -9.87 19.16
C ALA B 388 -9.85 -9.49 17.72
N LEU B 389 -9.13 -8.36 17.50
CA LEU B 389 -8.69 -7.91 16.18
C LEU B 389 -9.88 -7.67 15.25
N THR B 390 -10.94 -7.07 15.81
CA THR B 390 -12.13 -6.66 15.08
C THR B 390 -12.28 -5.15 15.16
N GLU B 391 -12.85 -4.55 14.13
CA GLU B 391 -12.90 -3.09 14.07
C GLU B 391 -13.89 -2.57 15.10
N CYS B 392 -13.51 -1.53 15.84
CA CYS B 392 -14.45 -0.99 16.81
C CYS B 392 -15.57 -0.23 16.10
N THR B 393 -16.76 -0.26 16.69
CA THR B 393 -17.84 0.60 16.20
C THR B 393 -17.70 1.98 16.81
N VAL B 394 -18.60 2.90 16.45
CA VAL B 394 -18.47 4.28 16.90
C VAL B 394 -18.81 4.36 18.39
N GLY B 395 -18.09 5.21 19.12
CA GLY B 395 -18.18 5.32 20.56
C GLY B 395 -17.26 4.39 21.33
N GLU B 396 -16.51 3.54 20.66
CA GLU B 396 -15.67 2.55 21.33
C GLU B 396 -14.21 2.93 21.18
N ILE B 397 -13.49 2.73 22.26
CA ILE B 397 -12.05 2.92 22.31
C ILE B 397 -11.40 1.58 22.01
N GLY B 398 -10.38 1.61 21.15
CA GLY B 398 -9.57 0.43 20.90
C GLY B 398 -8.18 0.88 20.44
N GLU B 399 -7.42 -0.02 19.81
CA GLU B 399 -6.08 0.31 19.37
C GLU B 399 -6.10 1.10 18.06
N VAL B 400 -5.23 2.09 17.99
CA VAL B 400 -5.08 2.88 16.76
C VAL B 400 -4.23 2.09 15.79
N TRP B 401 -4.80 1.76 14.63
CA TRP B 401 -4.08 1.12 13.55
C TRP B 401 -3.95 2.11 12.39
N VAL B 402 -2.80 2.15 11.74
CA VAL B 402 -2.47 3.14 10.72
C VAL B 402 -1.99 2.43 9.46
N LYS B 403 -2.57 2.75 8.31
CA LYS B 403 -2.05 2.22 7.06
C LYS B 403 -1.74 3.38 6.11
N GLY B 404 -0.54 3.36 5.50
CA GLY B 404 -0.15 4.39 4.54
C GLY B 404 1.34 4.35 4.20
N GLU B 405 1.70 5.17 3.25
CA GLU B 405 3.07 5.13 2.73
C GLU B 405 4.11 5.76 3.66
N SER B 406 3.70 6.45 4.71
CA SER B 406 4.63 6.88 5.76
C SER B 406 4.85 5.82 6.85
N VAL B 407 4.13 4.70 6.84
CA VAL B 407 4.48 3.60 7.75
C VAL B 407 5.84 3.02 7.33
N ALA B 408 6.76 2.92 8.30
CA ALA B 408 8.13 2.46 8.09
C ALA B 408 8.21 1.04 7.57
N GLN B 409 9.43 0.57 7.25
CA GLN B 409 9.60 -0.78 6.73
C GLN B 409 9.56 -1.85 7.80
N GLY B 410 9.66 -1.49 9.10
CA GLY B 410 9.67 -2.45 10.19
C GLY B 410 10.71 -2.06 11.21
N TYR B 411 11.01 -3.01 12.11
CA TYR B 411 12.03 -2.86 13.12
C TYR B 411 13.30 -3.59 12.68
N TRP B 412 14.43 -2.90 12.77
CA TRP B 412 15.74 -3.44 12.41
C TRP B 412 16.06 -4.73 13.15
N GLN B 413 16.23 -5.81 12.38
CA GLN B 413 16.66 -7.11 12.88
C GLN B 413 15.72 -7.64 13.96
N LYS B 414 14.43 -7.33 13.86
CA LYS B 414 13.38 -7.90 14.71
C LYS B 414 12.24 -8.45 13.84
N PRO B 415 12.48 -9.56 13.14
CA PRO B 415 11.45 -10.01 12.19
C PRO B 415 10.17 -10.47 12.87
N ASP B 416 10.24 -11.11 14.03
CA ASP B 416 9.01 -11.53 14.72
C ASP B 416 8.18 -10.32 15.15
N LEU B 417 8.82 -9.36 15.82
CA LEU B 417 8.05 -8.18 16.23
C LEU B 417 7.60 -7.39 15.01
N THR B 418 8.41 -7.32 13.96
CA THR B 418 7.97 -6.63 12.74
C THR B 418 6.68 -7.25 12.20
N GLN B 419 6.63 -8.57 12.09
CA GLN B 419 5.43 -9.22 11.56
C GLN B 419 4.23 -8.96 12.45
N GLN B 420 4.41 -9.07 13.76
CA GLN B 420 3.33 -8.82 14.71
C GLN B 420 2.82 -7.38 14.61
N GLN B 421 3.72 -6.40 14.50
CA GLN B 421 3.30 -5.01 14.62
C GLN B 421 3.01 -4.32 13.29
N PHE B 422 3.66 -4.72 12.20
CA PHE B 422 3.50 -4.02 10.91
C PHE B 422 2.57 -4.79 9.97
N GLN B 423 2.07 -5.94 10.43
CA GLN B 423 1.14 -6.76 9.62
C GLN B 423 -0.14 -7.00 10.43
N GLY B 424 -0.83 -5.92 10.73
CA GLY B 424 -2.11 -6.02 11.45
C GLY B 424 -3.22 -6.37 10.49
N ASN B 425 -3.97 -7.43 10.79
CA ASN B 425 -5.11 -7.81 9.96
C ASN B 425 -6.40 -7.62 10.74
N VAL B 426 -7.40 -7.04 10.10
CA VAL B 426 -8.70 -6.79 10.71
C VAL B 426 -9.75 -6.89 9.62
N GLY B 427 -10.77 -7.71 9.87
CA GLY B 427 -11.81 -7.94 8.86
C GLY B 427 -11.22 -8.34 7.53
N ALA B 428 -11.66 -7.66 6.47
CA ALA B 428 -11.13 -7.91 5.14
C ALA B 428 -9.87 -7.11 4.85
N GLU B 429 -9.28 -6.44 5.86
CA GLU B 429 -8.12 -5.56 5.66
C GLU B 429 -6.84 -6.24 6.08
N THR B 430 -5.73 -5.79 5.49
CA THR B 430 -4.38 -6.27 5.80
C THR B 430 -3.41 -5.08 5.81
N GLY B 431 -2.21 -5.34 6.33
CA GLY B 431 -1.11 -4.39 6.24
C GLY B 431 -1.15 -3.17 7.14
N PHE B 432 -1.81 -3.24 8.31
CA PHE B 432 -1.90 -2.08 9.21
C PHE B 432 -0.73 -2.09 10.18
N LEU B 433 -0.27 -0.91 10.54
CA LEU B 433 0.70 -0.76 11.63
C LEU B 433 -0.08 -0.69 12.94
N ARG B 434 0.28 -1.53 13.90
CA ARG B 434 -0.30 -1.47 15.25
C ARG B 434 0.51 -0.48 16.10
N THR B 435 -0.09 0.67 16.40
CA THR B 435 0.62 1.78 17.04
C THR B 435 0.93 1.53 18.49
N GLY B 436 0.14 0.70 19.17
CA GLY B 436 0.30 0.59 20.60
C GLY B 436 -0.30 1.74 21.36
N ASP B 437 -1.07 2.60 20.69
CA ASP B 437 -1.82 3.65 21.36
C ASP B 437 -3.30 3.31 21.35
N LEU B 438 -3.99 3.71 22.40
CA LEU B 438 -5.46 3.57 22.49
C LEU B 438 -6.11 4.91 22.12
N GLY B 439 -7.29 4.82 21.53
CA GLY B 439 -8.05 6.03 21.23
C GLY B 439 -9.31 5.70 20.47
N PHE B 440 -9.86 6.73 19.83
CA PHE B 440 -11.13 6.61 19.13
C PHE B 440 -11.25 7.73 18.10
N LEU B 441 -12.23 7.57 17.22
CA LEU B 441 -12.54 8.58 16.21
C LEU B 441 -13.86 9.25 16.56
N GLN B 442 -13.89 10.57 16.44
CA GLN B 442 -15.10 11.34 16.73
C GLN B 442 -15.12 12.58 15.87
N GLY B 443 -16.11 12.65 14.97
CA GLY B 443 -16.26 13.80 14.10
C GLY B 443 -15.13 13.97 13.12
N GLY B 444 -14.47 12.89 12.70
CA GLY B 444 -13.31 12.97 11.85
C GLY B 444 -12.01 13.23 12.58
N GLU B 445 -12.08 13.52 13.88
CA GLU B 445 -10.91 13.76 14.71
C GLU B 445 -10.44 12.48 15.39
N LEU B 446 -9.13 12.34 15.47
CA LEU B 446 -8.51 11.25 16.19
C LEU B 446 -8.23 11.71 17.61
N TYR B 447 -8.77 11.00 18.58
CA TYR B 447 -8.46 11.24 19.98
C TYR B 447 -7.57 10.12 20.50
N ILE B 448 -6.54 10.47 21.25
CA ILE B 448 -5.60 9.51 21.81
C ILE B 448 -5.83 9.51 23.32
N THR B 449 -6.09 8.33 23.90
CA THR B 449 -6.30 8.20 25.34
C THR B 449 -5.07 7.71 26.08
N GLY B 450 -4.20 6.93 25.45
CA GLY B 450 -2.94 6.59 26.08
C GLY B 450 -2.24 5.43 25.40
N ARG B 451 -1.19 4.94 26.08
CA ARG B 451 -0.40 3.80 25.63
C ARG B 451 -0.98 2.49 26.15
N LEU B 452 -1.16 1.51 25.25
CA LEU B 452 -1.67 0.19 25.61
C LEU B 452 -0.77 -0.51 26.63
N LYS B 453 0.54 -0.52 26.40
CA LYS B 453 1.43 -1.25 27.28
C LYS B 453 1.51 -0.66 28.69
N ASP B 454 1.14 0.60 28.89
CA ASP B 454 1.18 1.26 30.18
C ASP B 454 -0.16 1.27 30.91
N LEU B 455 -1.23 0.80 30.26
CA LEU B 455 -2.55 0.77 30.85
C LEU B 455 -2.56 -0.06 32.12
N LEU B 456 -3.27 0.42 33.13
CA LEU B 456 -3.38 -0.27 34.41
C LEU B 456 -4.73 -0.97 34.49
N ILE B 457 -4.74 -2.30 34.55
CA ILE B 457 -5.97 -3.07 34.74
C ILE B 457 -5.96 -3.57 36.17
N ILE B 458 -6.79 -2.96 37.00
CA ILE B 458 -6.80 -3.20 38.44
C ILE B 458 -8.25 -3.42 38.85
N ARG B 459 -8.49 -4.50 39.58
CA ARG B 459 -9.84 -4.78 40.07
C ARG B 459 -10.86 -4.70 38.94
N GLY B 460 -10.51 -5.26 37.77
CA GLY B 460 -11.44 -5.39 36.66
C GLY B 460 -11.79 -4.15 35.89
N ARG B 461 -11.08 -3.05 36.07
CA ARG B 461 -11.35 -1.81 35.34
C ARG B 461 -10.03 -1.26 34.81
N ASN B 462 -10.10 -0.53 33.71
CA ASN B 462 -8.93 0.05 33.11
C ASN B 462 -8.62 1.39 33.77
N HIS B 463 -7.34 1.72 33.86
CA HIS B 463 -6.94 2.98 34.46
C HIS B 463 -5.72 3.49 33.71
N TYR B 464 -5.78 4.75 33.28
CA TYR B 464 -4.68 5.38 32.55
C TYR B 464 -3.68 6.00 33.52
N PRO B 465 -2.40 5.67 33.41
CA PRO B 465 -1.44 6.15 34.42
C PRO B 465 -1.24 7.65 34.44
N GLN B 466 -1.29 8.31 33.28
CA GLN B 466 -1.17 9.77 33.27
C GLN B 466 -2.26 10.42 34.10
N ASP B 467 -3.45 9.79 34.19
CA ASP B 467 -4.51 10.36 35.01
C ASP B 467 -4.18 10.27 36.50
N ILE B 468 -3.70 9.10 36.93
CA ILE B 468 -3.36 8.91 38.33
C ILE B 468 -2.18 9.80 38.72
N GLU B 469 -1.19 9.94 37.81
CA GLU B 469 -0.01 10.74 38.11
C GLU B 469 -0.34 12.22 38.28
N LEU B 470 -1.34 12.73 37.55
CA LEU B 470 -1.75 14.12 37.72
C LEU B 470 -2.40 14.35 39.07
N THR B 471 -3.24 13.42 39.53
CA THR B 471 -3.84 13.49 40.86
C THR B 471 -2.75 13.46 41.94
N VAL B 472 -1.75 12.60 41.78
CA VAL B 472 -0.73 12.45 42.82
C VAL B 472 0.08 13.73 42.94
N GLU B 473 0.42 14.35 41.81
CA GLU B 473 1.32 15.50 41.81
C GLU B 473 0.79 16.65 42.64
N VAL B 474 -0.50 16.96 42.50
CA VAL B 474 -1.07 18.10 43.18
C VAL B 474 -1.56 17.77 44.58
N ALA B 475 -1.41 16.53 45.03
CA ALA B 475 -1.90 16.14 46.35
C ALA B 475 -1.12 16.80 47.48
N HIS B 476 0.14 17.19 47.24
CA HIS B 476 0.97 17.73 48.32
C HIS B 476 2.05 18.65 47.78
N PRO B 477 2.41 19.72 48.51
CA PRO B 477 3.51 20.60 48.05
C PRO B 477 4.86 19.92 47.95
N ALA B 478 5.10 18.83 48.68
CA ALA B 478 6.40 18.17 48.66
C ALA B 478 6.65 17.38 47.37
N LEU B 479 5.64 17.16 46.54
CA LEU B 479 5.79 16.34 45.36
C LEU B 479 6.09 17.20 44.13
N ARG B 480 7.05 16.73 43.33
CA ARG B 480 7.52 17.43 42.12
C ARG B 480 6.66 17.05 40.90
N GLN B 481 6.24 18.04 40.14
CA GLN B 481 5.42 17.79 38.93
C GLN B 481 6.27 17.14 37.84
N GLY B 482 5.72 16.17 37.10
CA GLY B 482 6.44 15.56 35.95
C GLY B 482 7.52 14.57 36.32
N ALA B 483 7.48 13.98 37.51
CA ALA B 483 8.45 13.03 38.00
C ALA B 483 7.75 11.99 38.86
N GLY B 484 6.64 11.44 38.31
CA GLY B 484 5.89 10.38 38.96
C GLY B 484 5.46 9.34 37.96
N ALA B 485 5.16 8.15 38.48
CA ALA B 485 4.78 7.01 37.69
C ALA B 485 3.79 6.16 38.49
N ALA B 486 2.68 5.77 37.86
CA ALA B 486 1.73 4.81 38.41
C ALA B 486 1.85 3.53 37.61
N VAL B 487 2.21 2.44 38.30
CA VAL B 487 2.41 1.14 37.67
C VAL B 487 1.58 0.11 38.44
N SER B 488 1.38 -1.04 37.84
CA SER B 488 0.67 -2.11 38.52
C SER B 488 1.65 -3.23 38.82
N VAL B 489 1.45 -3.89 39.96
CA VAL B 489 2.34 -4.93 40.44
C VAL B 489 1.49 -6.11 40.88
N ASP B 490 1.99 -7.32 40.66
CA ASP B 490 1.23 -8.50 41.05
C ASP B 490 1.40 -8.75 42.55
N VAL B 491 0.28 -8.83 43.27
CA VAL B 491 0.24 -9.20 44.68
C VAL B 491 -0.67 -10.42 44.78
N ASN B 492 -0.07 -11.60 44.87
CA ASN B 492 -0.80 -12.86 45.00
C ASN B 492 -1.80 -13.05 43.86
N GLY B 493 -1.31 -12.92 42.62
CA GLY B 493 -2.13 -13.16 41.44
C GLY B 493 -3.04 -12.03 41.02
N GLU B 494 -3.05 -10.92 41.75
CA GLU B 494 -3.90 -9.78 41.40
C GLU B 494 -3.05 -8.53 41.22
N GLU B 495 -3.33 -7.78 40.16
CA GLU B 495 -2.66 -6.51 39.98
C GLU B 495 -3.11 -5.50 41.02
N GLN B 496 -2.16 -4.72 41.52
CA GLN B 496 -2.38 -3.67 42.50
C GLN B 496 -1.54 -2.44 42.12
N LEU B 497 -2.04 -1.26 42.48
CA LEU B 497 -1.40 0.00 42.13
C LEU B 497 -0.17 0.28 43.01
N VAL B 498 0.94 0.68 42.38
CA VAL B 498 2.11 1.20 43.09
C VAL B 498 2.47 2.58 42.51
N ILE B 499 2.85 3.53 43.37
CA ILE B 499 3.21 4.91 43.00
C ILE B 499 4.72 5.11 43.25
N VAL B 500 5.43 5.63 42.23
CA VAL B 500 6.84 6.04 42.37
C VAL B 500 6.90 7.54 42.05
N GLN B 501 7.31 8.36 43.03
CA GLN B 501 7.10 9.79 42.92
C GLN B 501 8.28 10.55 43.51
N GLU B 502 8.81 11.49 42.74
CA GLU B 502 9.90 12.32 43.24
C GLU B 502 9.40 13.36 44.23
N VAL B 503 10.19 13.61 45.27
CA VAL B 503 9.95 14.70 46.19
C VAL B 503 10.86 15.87 45.83
N GLU B 504 10.42 17.07 46.19
CA GLU B 504 11.17 18.29 45.93
C GLU B 504 12.45 18.32 46.77
N ARG B 505 13.44 19.10 46.29
CA ARG B 505 14.75 19.14 46.94
C ARG B 505 14.64 19.64 48.39
N LYS B 506 13.72 20.56 48.68
CA LYS B 506 13.60 21.07 50.05
C LYS B 506 13.12 20.01 51.04
N TYR B 507 12.34 19.02 50.59
CA TYR B 507 11.81 17.99 51.47
C TYR B 507 12.57 16.66 51.38
N ALA B 508 13.73 16.61 50.70
CA ALA B 508 14.38 15.32 50.49
C ALA B 508 14.86 14.70 51.81
N ARG B 509 15.42 15.51 52.71
CA ARG B 509 15.85 15.09 54.04
C ARG B 509 14.79 15.35 55.10
N LYS B 510 13.70 16.04 54.74
CA LYS B 510 12.65 16.47 55.66
C LYS B 510 11.27 15.95 55.21
N LEU B 511 11.18 14.63 54.93
CA LEU B 511 9.96 14.02 54.42
C LEU B 511 9.11 13.43 55.55
N ASN B 512 7.89 13.95 55.73
CA ASN B 512 6.88 13.34 56.61
C ASN B 512 6.11 12.34 55.74
N VAL B 513 6.61 11.10 55.69
CA VAL B 513 6.05 10.13 54.75
C VAL B 513 4.59 9.86 55.06
N ALA B 514 4.26 9.75 56.35
CA ALA B 514 2.89 9.43 56.74
C ALA B 514 1.90 10.49 56.27
N ALA B 515 2.22 11.77 56.48
CA ALA B 515 1.28 12.81 56.05
C ALA B 515 1.15 12.86 54.53
N VAL B 516 2.27 12.80 53.81
CA VAL B 516 2.26 12.90 52.35
C VAL B 516 1.62 11.65 51.73
N ALA B 517 1.95 10.46 52.25
CA ALA B 517 1.28 9.27 51.75
C ALA B 517 -0.22 9.34 52.00
N GLN B 518 -0.63 9.84 53.16
CA GLN B 518 -2.05 10.01 53.45
C GLN B 518 -2.70 10.98 52.47
N ALA B 519 -2.00 12.08 52.15
CA ALA B 519 -2.53 13.02 51.17
C ALA B 519 -2.71 12.34 49.81
N ILE B 520 -1.74 11.52 49.42
CA ILE B 520 -1.81 10.83 48.13
C ILE B 520 -2.93 9.80 48.13
N ARG B 521 -3.04 8.99 49.20
CA ARG B 521 -4.10 8.00 49.29
C ARG B 521 -5.48 8.66 49.23
N GLY B 522 -5.63 9.82 49.86
CA GLY B 522 -6.91 10.52 49.85
C GLY B 522 -7.28 11.04 48.48
N ALA B 523 -6.30 11.56 47.75
CA ALA B 523 -6.58 12.05 46.40
C ALA B 523 -6.88 10.91 45.43
N ILE B 524 -6.11 9.81 45.48
CA ILE B 524 -6.34 8.69 44.56
C ILE B 524 -7.69 8.03 44.85
N ALA B 525 -8.07 7.96 46.13
CA ALA B 525 -9.38 7.39 46.46
C ALA B 525 -10.50 8.27 45.90
N ALA B 526 -10.42 9.59 46.09
CA ALA B 526 -11.52 10.46 45.68
C ALA B 526 -11.67 10.51 44.17
N GLU B 527 -10.56 10.60 43.44
CA GLU B 527 -10.65 10.80 42.00
C GLU B 527 -10.71 9.52 41.21
N HIS B 528 -10.20 8.41 41.75
CA HIS B 528 -10.10 7.16 40.99
C HIS B 528 -10.68 5.93 41.68
N GLN B 529 -11.07 6.01 42.97
CA GLN B 529 -11.59 4.87 43.73
C GLN B 529 -10.60 3.70 43.74
N LEU B 530 -9.33 4.03 43.92
CA LEU B 530 -8.24 3.07 43.94
C LEU B 530 -7.48 3.21 45.27
N GLN B 531 -6.87 2.14 45.70
CA GLN B 531 -6.03 2.14 46.91
C GLN B 531 -4.63 1.71 46.51
N PRO B 532 -3.63 2.59 46.53
CA PRO B 532 -2.28 2.17 46.17
C PRO B 532 -1.76 1.14 47.16
N GLN B 533 -1.23 0.05 46.62
CA GLN B 533 -0.52 -0.94 47.42
C GLN B 533 0.70 -0.34 48.12
N ALA B 534 1.42 0.55 47.44
CA ALA B 534 2.65 1.09 48.01
C ALA B 534 2.93 2.43 47.36
N ILE B 535 3.59 3.31 48.11
CA ILE B 535 4.10 4.57 47.55
C ILE B 535 5.58 4.66 47.84
N CYS B 536 6.37 4.96 46.81
CA CYS B 536 7.82 4.99 46.92
C CYS B 536 8.31 6.39 46.55
N PHE B 537 8.83 7.12 47.54
CA PHE B 537 9.30 8.48 47.35
C PHE B 537 10.78 8.46 47.01
N ILE B 538 11.16 9.14 45.93
CA ILE B 538 12.53 9.07 45.40
C ILE B 538 13.07 10.49 45.21
N LYS B 539 14.40 10.57 45.03
CA LYS B 539 15.14 11.82 44.99
C LYS B 539 14.84 12.60 43.72
N PRO B 540 14.85 13.93 43.80
CA PRO B 540 14.63 14.77 42.60
C PRO B 540 15.65 14.44 41.51
N GLY B 541 15.17 14.28 40.27
CA GLY B 541 16.03 13.97 39.14
C GLY B 541 16.39 12.51 38.94
N SER B 542 15.90 11.61 39.79
CA SER B 542 16.35 10.23 39.79
C SER B 542 15.40 9.26 39.11
N ILE B 543 14.21 9.69 38.73
CA ILE B 543 13.25 8.71 38.22
C ILE B 543 13.76 8.17 36.88
N PRO B 544 13.66 6.87 36.61
CA PRO B 544 14.08 6.37 35.28
C PRO B 544 13.37 7.12 34.12
N LYS B 545 14.18 7.67 33.23
CA LYS B 545 13.71 8.52 32.13
C LYS B 545 14.42 8.14 30.83
N THR B 546 13.80 8.49 29.71
CA THR B 546 14.50 8.42 28.43
C THR B 546 15.43 9.62 28.30
N SER B 547 16.19 9.64 27.21
CA SER B 547 17.12 10.74 26.95
C SER B 547 16.39 12.06 26.79
N SER B 548 15.25 12.05 26.11
CA SER B 548 14.45 13.27 25.96
C SER B 548 13.73 13.65 27.25
N GLY B 549 13.78 12.81 28.28
CA GLY B 549 13.13 13.11 29.53
C GLY B 549 11.79 12.46 29.75
N LYS B 550 11.33 11.59 28.85
CA LYS B 550 10.07 10.88 29.07
C LYS B 550 10.21 9.86 30.20
N ILE B 551 9.19 9.75 31.05
CA ILE B 551 9.25 8.77 32.14
C ILE B 551 9.21 7.35 31.55
N ARG B 552 10.06 6.46 32.08
CA ARG B 552 10.07 5.03 31.72
C ARG B 552 9.30 4.29 32.81
N ARG B 553 7.98 4.20 32.64
CA ARG B 553 7.12 3.63 33.68
C ARG B 553 7.51 2.19 34.01
N HIS B 554 7.67 1.34 32.99
CA HIS B 554 8.07 -0.05 33.23
C HIS B 554 9.41 -0.15 33.98
N ALA B 555 10.28 0.83 33.81
CA ALA B 555 11.55 0.79 34.52
C ALA B 555 11.38 1.26 35.94
N CYS B 556 10.41 2.14 36.20
CA CYS B 556 10.06 2.46 37.58
C CYS B 556 9.56 1.20 38.30
N LYS B 557 8.65 0.45 37.66
CA LYS B 557 8.20 -0.80 38.25
C LYS B 557 9.39 -1.73 38.49
N ALA B 558 10.33 -1.78 37.53
CA ALA B 558 11.47 -2.67 37.68
C ALA B 558 12.36 -2.23 38.83
N GLY B 559 12.54 -0.92 39.02
CA GLY B 559 13.37 -0.44 40.12
C GLY B 559 12.73 -0.64 41.47
N PHE B 560 11.40 -0.52 41.54
CA PHE B 560 10.64 -0.83 42.74
C PHE B 560 10.85 -2.28 43.15
N LEU B 561 10.86 -3.20 42.19
CA LEU B 561 11.02 -4.62 42.50
C LEU B 561 12.48 -5.09 42.60
N ASP B 562 13.47 -4.34 42.08
CA ASP B 562 14.86 -4.78 42.22
C ASP B 562 15.66 -3.96 43.24
N GLY B 563 15.04 -2.97 43.88
CA GLY B 563 15.71 -2.22 44.94
C GLY B 563 16.77 -1.23 44.48
N SER B 564 16.63 -0.68 43.27
CA SER B 564 17.64 0.20 42.68
C SER B 564 17.19 1.65 42.52
N LEU B 565 16.01 2.01 43.01
CA LEU B 565 15.59 3.41 43.01
C LEU B 565 16.31 4.17 44.14
N ALA B 566 16.42 5.50 43.96
CA ALA B 566 17.04 6.40 44.95
C ALA B 566 15.98 6.84 45.98
N VAL B 567 15.66 5.92 46.89
CA VAL B 567 14.50 6.10 47.76
C VAL B 567 14.84 7.04 48.91
N VAL B 568 13.92 7.95 49.22
CA VAL B 568 14.00 8.80 50.39
C VAL B 568 12.88 8.53 51.40
N GLY B 569 11.86 7.74 51.05
CA GLY B 569 10.82 7.36 51.99
C GLY B 569 9.83 6.45 51.33
N GLU B 570 9.15 5.61 52.09
CA GLU B 570 8.21 4.67 51.52
C GLU B 570 7.04 4.44 52.45
N TRP B 571 5.86 4.20 51.86
CA TRP B 571 4.67 3.80 52.59
C TRP B 571 4.14 2.49 52.01
N GLN B 572 3.72 1.60 52.90
CA GLN B 572 3.19 0.27 52.56
C GLN B 572 2.33 -0.26 53.73
P AMP C . -5.32 -11.09 -18.96
O1P AMP C . -5.36 -12.37 -19.72
O2P AMP C . -6.61 -10.70 -18.34
O3P AMP C . -4.15 -10.93 -18.05
O5' AMP C . -5.09 -10.02 -20.12
C5' AMP C . -4.93 -8.64 -19.80
C4' AMP C . -4.82 -7.82 -21.07
O4' AMP C . -5.99 -7.85 -21.87
C3' AMP C . -4.65 -6.37 -20.74
O3' AMP C . -3.33 -6.10 -20.36
C2' AMP C . -4.99 -5.74 -22.06
O2' AMP C . -3.89 -5.84 -22.96
C1' AMP C . -6.13 -6.59 -22.54
N9 AMP C . -7.34 -5.89 -22.12
C8 AMP C . -8.11 -6.15 -21.05
N7 AMP C . -9.14 -5.30 -20.96
C5 AMP C . -9.03 -4.46 -21.98
C6 AMP C . -9.79 -3.31 -22.46
N6 AMP C . -10.89 -2.90 -21.81
N1 AMP C . -9.35 -2.68 -23.57
C2 AMP C . -8.25 -3.09 -24.21
N3 AMP C . -7.51 -4.13 -23.83
C4 AMP C . -7.85 -4.84 -22.74
P1 POP D . 0.63 -12.29 -21.60
O1 POP D . 1.27 -13.61 -21.39
O2 POP D . 0.67 -11.48 -20.35
O3 POP D . 1.42 -11.65 -22.68
O POP D . -0.86 -12.42 -22.17
P2 POP D . -2.16 -11.71 -21.56
O4 POP D . -2.56 -12.55 -20.38
O5 POP D . -1.90 -10.31 -21.14
O6 POP D . -3.19 -11.72 -22.63
C ACT E . -0.52 -9.30 -0.15
O ACT E . 0.25 -10.30 -0.28
OXT ACT E . -1.66 -9.11 -0.64
CH3 ACT E . 0.01 -8.15 0.77
MG MG F . -0.29 -9.70 -19.96
P AMP G . 7.86 8.84 19.24
O1P AMP G . 7.94 7.58 18.44
O2P AMP G . 7.36 10.02 18.47
O3P AMP G . 9.07 9.11 20.06
O5' AMP G . 6.72 8.58 20.31
C5' AMP G . 5.37 8.68 19.89
C4' AMP G . 4.43 8.36 21.02
O4' AMP G . 4.14 9.54 21.77
C3' AMP G . 3.09 7.93 20.47
O3' AMP G . 3.05 6.53 20.22
C2' AMP G . 2.16 8.31 21.58
O2' AMP G . 2.22 7.32 22.60
C1' AMP G . 2.76 9.59 22.09
N9 AMP G . 2.06 10.69 21.41
C8 AMP G . 2.44 11.34 20.30
N7 AMP G . 1.56 12.30 19.95
C5 AMP G . 0.58 12.25 20.85
C6 AMP G . -0.68 12.98 21.07
N6 AMP G . -1.07 13.96 20.24
N1 AMP G . -1.43 12.63 22.13
C2 AMP G . -1.05 11.65 22.96
N3 AMP G . 0.07 10.95 22.82
C4 AMP G . 0.91 11.20 21.80
P1 POP H . 9.15 3.35 22.89
O1 POP H . 10.54 2.85 22.93
O2 POP H . 8.52 3.07 21.56
O3 POP H . 8.44 2.65 23.98
O POP H . 9.10 4.89 23.23
P2 POP H . 8.35 6.04 22.41
O4 POP H . 9.26 6.48 21.31
O5 POP H . 7.06 5.57 21.87
O6 POP H . 8.10 7.15 23.38
C ACT I . 9.05 1.28 1.36
O ACT I . 9.84 0.49 1.92
OXT ACT I . 8.82 2.52 1.67
CH3 ACT I . 8.30 0.65 0.12
MG MG J . 6.71 3.82 20.95
#